data_1ZMT
#
_entry.id   1ZMT
#
_cell.length_a   146.444
_cell.length_b   72.041
_cell.length_c   97.420
_cell.angle_alpha   90.00
_cell.angle_beta   92.88
_cell.angle_gamma   90.00
#
_symmetry.space_group_name_H-M   'C 1 2 1'
#
loop_
_entity.id
_entity.type
_entity.pdbx_description
1 polymer 'Haloalcohol dehalogenase HheC'
2 non-polymer '(R)-PARA-NITROSTYRENE OXIDE'
3 water water
#
_entity_poly.entity_id   1
_entity_poly.type   'polypeptide(L)'
_entity_poly.pdbx_seq_one_letter_code
;MSTAIVTNVKHFGGMGSALRLSEAGHTVACHDESFKQKDELEAFAETYPQLKPMSEQEPAELIEAVTSAYGQVDVLVSND
IFAPEFQPIDKYAVEDYRGAVEALQIRPFALVNAVASQMKKRKSGHIIFITSATPFGPWKELSTYTSARAGACTLANALS
KELGEYNIPVFAIGPNYLHSEDSPYFYPTEPWKTNPEHVAHVKKVTALQRLGTQKELGELVAFLASGSCDYLTGQVFWLA
GGFPMIERWPGMPE
;
_entity_poly.pdbx_strand_id   A,B,C,D
#
# COMPACT_ATOMS: atom_id res chain seq x y z
N SER A 2 -32.15 4.49 -10.41
CA SER A 2 -32.12 3.01 -10.57
C SER A 2 -32.60 2.34 -9.28
N THR A 3 -32.37 1.02 -9.18
CA THR A 3 -32.79 0.27 -8.01
C THR A 3 -31.56 -0.15 -7.21
N ALA A 4 -31.54 0.20 -5.94
CA ALA A 4 -30.40 -0.14 -5.08
C ALA A 4 -30.79 -1.00 -3.90
N ILE A 5 -29.80 -1.73 -3.38
CA ILE A 5 -30.01 -2.57 -2.21
C ILE A 5 -28.98 -2.16 -1.18
N VAL A 6 -29.43 -1.90 0.05
CA VAL A 6 -28.52 -1.57 1.14
C VAL A 6 -28.83 -2.59 2.22
N THR A 7 -27.82 -3.35 2.62
CA THR A 7 -27.99 -4.38 3.64
C THR A 7 -27.74 -3.82 5.04
N ASN A 8 -28.19 -4.55 6.06
CA ASN A 8 -28.03 -4.14 7.46
C ASN A 8 -28.27 -2.64 7.59
N VAL A 9 -29.35 -2.17 6.98
CA VAL A 9 -29.66 -0.74 6.94
C VAL A 9 -29.66 0.05 8.26
N LYS A 10 -30.03 -0.60 9.36
CA LYS A 10 -30.08 0.10 10.65
C LYS A 10 -28.70 0.34 11.28
N HIS A 11 -27.67 -0.30 10.74
CA HIS A 11 -26.34 -0.18 11.32
C HIS A 11 -25.22 0.28 10.41
N PHE A 12 -24.09 0.62 11.03
CA PHE A 12 -22.89 1.00 10.29
C PHE A 12 -23.20 2.09 9.24
N GLY A 13 -22.90 1.83 7.97
CA GLY A 13 -23.15 2.84 6.96
C GLY A 13 -24.51 2.69 6.29
N GLY A 14 -25.39 1.91 6.91
CA GLY A 14 -26.70 1.68 6.35
C GLY A 14 -27.62 2.86 6.12
N MET A 15 -27.93 3.60 7.17
CA MET A 15 -28.84 4.74 7.04
C MET A 15 -28.31 5.86 6.16
N GLY A 16 -27.02 6.18 6.31
CA GLY A 16 -26.45 7.23 5.48
C GLY A 16 -26.56 6.86 4.00
N SER A 17 -26.22 5.61 3.69
CA SER A 17 -26.29 5.13 2.31
C SER A 17 -27.70 5.13 1.75
N ALA A 18 -28.63 4.51 2.47
CA ALA A 18 -30.01 4.42 2.01
C ALA A 18 -30.71 5.76 1.86
N LEU A 19 -30.55 6.63 2.85
CA LEU A 19 -31.18 7.94 2.82
C LEU A 19 -30.68 8.82 1.67
N ARG A 20 -29.37 8.85 1.45
CA ARG A 20 -28.83 9.69 0.39
C ARG A 20 -29.12 9.11 -0.99
N LEU A 21 -29.14 7.78 -1.09
CA LEU A 21 -29.44 7.12 -2.35
C LEU A 21 -30.86 7.48 -2.74
N SER A 22 -31.76 7.42 -1.75
CA SER A 22 -33.17 7.74 -1.99
C SER A 22 -33.33 9.21 -2.37
N GLU A 23 -32.62 10.08 -1.67
CA GLU A 23 -32.70 11.51 -1.95
C GLU A 23 -32.24 11.75 -3.39
N ALA A 24 -31.36 10.88 -3.87
CA ALA A 24 -30.84 10.98 -5.23
C ALA A 24 -31.87 10.53 -6.27
N GLY A 25 -32.94 9.89 -5.81
CA GLY A 25 -33.98 9.45 -6.72
C GLY A 25 -34.09 7.96 -6.94
N HIS A 26 -33.18 7.19 -6.34
CA HIS A 26 -33.20 5.74 -6.50
C HIS A 26 -34.25 5.06 -5.63
N THR A 27 -34.69 3.89 -6.06
CA THR A 27 -35.63 3.08 -5.29
C THR A 27 -34.64 2.30 -4.44
N VAL A 28 -34.74 2.43 -3.12
CA VAL A 28 -33.81 1.75 -2.24
C VAL A 28 -34.40 0.60 -1.41
N ALA A 29 -34.14 -0.62 -1.85
CA ALA A 29 -34.61 -1.81 -1.13
C ALA A 29 -33.66 -1.95 0.04
N CYS A 30 -34.19 -2.19 1.23
CA CYS A 30 -33.36 -2.31 2.42
C CYS A 30 -33.48 -3.64 3.16
N HIS A 31 -32.33 -4.20 3.53
CA HIS A 31 -32.28 -5.45 4.27
C HIS A 31 -31.79 -5.18 5.70
N ASP A 32 -32.25 -6.01 6.64
CA ASP A 32 -31.84 -5.93 8.04
C ASP A 32 -32.31 -7.19 8.75
N GLU A 33 -31.50 -7.70 9.66
CA GLU A 33 -31.86 -8.91 10.39
C GLU A 33 -33.18 -8.76 11.14
N SER A 34 -33.47 -7.55 11.60
CA SER A 34 -34.71 -7.29 12.34
C SER A 34 -35.96 -7.39 11.47
N PHE A 35 -35.81 -7.21 10.17
CA PHE A 35 -36.95 -7.26 9.26
C PHE A 35 -37.58 -8.64 9.14
N LYS A 36 -37.01 -9.60 9.87
CA LYS A 36 -37.55 -10.96 9.87
C LYS A 36 -38.87 -10.92 10.63
N GLN A 37 -39.00 -9.91 11.50
CA GLN A 37 -40.20 -9.70 12.28
C GLN A 37 -41.03 -8.64 11.56
N LYS A 38 -42.27 -8.98 11.23
CA LYS A 38 -43.16 -8.06 10.53
C LYS A 38 -43.31 -6.75 11.30
N ASP A 39 -43.34 -6.84 12.62
CA ASP A 39 -43.49 -5.67 13.48
C ASP A 39 -42.38 -4.65 13.24
N GLU A 40 -41.15 -5.15 13.16
CA GLU A 40 -39.98 -4.31 12.94
C GLU A 40 -39.95 -3.76 11.51
N LEU A 41 -40.32 -4.60 10.54
CA LEU A 41 -40.31 -4.16 9.15
C LEU A 41 -41.36 -3.08 8.91
N GLU A 42 -42.57 -3.30 9.40
CA GLU A 42 -43.63 -2.32 9.23
C GLU A 42 -43.33 -1.01 9.96
N ALA A 43 -42.69 -1.12 11.12
CA ALA A 43 -42.34 0.07 11.89
C ALA A 43 -41.31 0.89 11.12
N PHE A 44 -40.37 0.20 10.48
CA PHE A 44 -39.33 0.87 9.71
C PHE A 44 -39.96 1.52 8.47
N ALA A 45 -40.81 0.77 7.79
CA ALA A 45 -41.48 1.26 6.58
C ALA A 45 -42.29 2.53 6.84
N GLU A 46 -42.97 2.59 7.98
CA GLU A 46 -43.78 3.74 8.31
C GLU A 46 -42.90 4.96 8.60
N THR A 47 -41.79 4.74 9.30
CA THR A 47 -40.89 5.84 9.62
C THR A 47 -40.21 6.39 8.38
N TYR A 48 -39.85 5.50 7.45
CA TYR A 48 -39.16 5.91 6.23
C TYR A 48 -39.89 5.52 4.94
N PRO A 49 -40.92 6.29 4.56
CA PRO A 49 -41.66 5.97 3.34
C PRO A 49 -40.78 6.04 2.08
N GLN A 50 -39.65 6.72 2.18
CA GLN A 50 -38.76 6.84 1.02
C GLN A 50 -37.89 5.60 0.85
N LEU A 51 -38.02 4.63 1.75
CA LEU A 51 -37.24 3.39 1.68
C LEU A 51 -38.16 2.17 1.53
N LYS A 52 -37.62 1.08 1.00
CA LYS A 52 -38.40 -0.15 0.79
C LYS A 52 -37.81 -1.33 1.56
N PRO A 53 -38.18 -1.48 2.83
CA PRO A 53 -37.65 -2.61 3.60
C PRO A 53 -38.11 -3.97 3.07
N MET A 54 -37.18 -4.92 3.00
CA MET A 54 -37.46 -6.27 2.52
C MET A 54 -37.33 -7.22 3.71
N SER A 55 -38.08 -8.32 3.69
CA SER A 55 -38.01 -9.29 4.78
C SER A 55 -36.94 -10.35 4.51
N GLU A 56 -36.61 -10.54 3.24
CA GLU A 56 -35.62 -11.54 2.85
C GLU A 56 -34.28 -11.36 3.59
N GLN A 57 -33.71 -12.48 4.03
CA GLN A 57 -32.45 -12.47 4.78
C GLN A 57 -31.25 -13.01 4.02
N GLU A 58 -31.45 -14.07 3.25
CA GLU A 58 -30.37 -14.68 2.49
C GLU A 58 -30.09 -13.98 1.17
N PRO A 59 -28.83 -14.03 0.70
CA PRO A 59 -28.38 -13.41 -0.55
C PRO A 59 -29.23 -13.68 -1.79
N ALA A 60 -29.35 -14.95 -2.18
CA ALA A 60 -30.13 -15.31 -3.35
C ALA A 60 -31.58 -14.84 -3.21
N GLU A 61 -32.19 -15.14 -2.07
CA GLU A 61 -33.57 -14.74 -1.82
C GLU A 61 -33.75 -13.23 -1.90
N LEU A 62 -32.80 -12.48 -1.33
CA LEU A 62 -32.88 -11.02 -1.34
C LEU A 62 -32.79 -10.46 -2.75
N ILE A 63 -31.81 -10.90 -3.51
CA ILE A 63 -31.65 -10.41 -4.89
C ILE A 63 -32.88 -10.73 -5.74
N GLU A 64 -33.39 -11.95 -5.59
CA GLU A 64 -34.57 -12.35 -6.36
C GLU A 64 -35.77 -11.50 -5.99
N ALA A 65 -35.99 -11.32 -4.68
CA ALA A 65 -37.13 -10.54 -4.20
C ALA A 65 -37.11 -9.11 -4.71
N VAL A 66 -35.95 -8.48 -4.66
CA VAL A 66 -35.81 -7.11 -5.14
C VAL A 66 -36.01 -7.04 -6.65
N THR A 67 -35.44 -8.01 -7.36
CA THR A 67 -35.57 -8.06 -8.81
C THR A 67 -37.03 -8.23 -9.23
N SER A 68 -37.75 -9.08 -8.51
CA SER A 68 -39.16 -9.31 -8.83
C SER A 68 -40.02 -8.10 -8.51
N ALA A 69 -39.78 -7.49 -7.35
CA ALA A 69 -40.55 -6.32 -6.93
C ALA A 69 -40.19 -5.04 -7.67
N TYR A 70 -38.91 -4.82 -7.93
CA TYR A 70 -38.48 -3.58 -8.58
C TYR A 70 -37.78 -3.70 -9.92
N GLY A 71 -38.00 -4.81 -10.62
CA GLY A 71 -37.42 -5.01 -11.94
C GLY A 71 -36.01 -5.56 -12.04
N GLN A 72 -35.09 -4.98 -11.28
CA GLN A 72 -33.70 -5.41 -11.31
C GLN A 72 -32.91 -4.74 -10.20
N VAL A 73 -31.66 -5.15 -10.04
CA VAL A 73 -30.77 -4.56 -9.03
C VAL A 73 -29.65 -3.86 -9.78
N ASP A 74 -29.61 -2.53 -9.69
CA ASP A 74 -28.59 -1.75 -10.37
C ASP A 74 -27.41 -1.41 -9.47
N VAL A 75 -27.70 -1.23 -8.19
CA VAL A 75 -26.67 -0.88 -7.23
C VAL A 75 -26.75 -1.77 -6.00
N LEU A 76 -25.63 -2.40 -5.65
CA LEU A 76 -25.58 -3.25 -4.47
C LEU A 76 -24.66 -2.58 -3.46
N VAL A 77 -25.17 -2.30 -2.27
CA VAL A 77 -24.33 -1.72 -1.23
C VAL A 77 -24.27 -2.76 -0.12
N SER A 78 -23.16 -3.50 -0.06
CA SER A 78 -23.01 -4.52 0.96
C SER A 78 -22.43 -3.88 2.22
N ASN A 79 -23.32 -3.50 3.11
CA ASN A 79 -22.98 -2.85 4.37
C ASN A 79 -22.83 -3.96 5.41
N ASP A 80 -21.65 -4.55 5.44
CA ASP A 80 -21.37 -5.67 6.33
C ASP A 80 -20.94 -5.32 7.74
N ILE A 81 -21.48 -6.08 8.70
CA ILE A 81 -21.19 -5.86 10.10
C ILE A 81 -20.93 -7.17 10.84
N PHE A 82 -20.27 -7.03 11.98
CA PHE A 82 -19.93 -8.16 12.84
C PHE A 82 -19.61 -7.57 14.20
N ALA A 83 -19.89 -8.32 15.25
CA ALA A 83 -19.63 -7.85 16.61
C ALA A 83 -18.49 -8.68 17.22
N PRO A 84 -17.25 -8.26 16.99
CA PRO A 84 -16.09 -8.97 17.52
C PRO A 84 -15.69 -8.52 18.93
N GLU A 85 -14.87 -9.34 19.58
CA GLU A 85 -14.34 -9.00 20.88
C GLU A 85 -12.88 -8.72 20.61
N PHE A 86 -12.26 -7.92 21.47
CA PHE A 86 -10.83 -7.66 21.35
C PHE A 86 -10.22 -8.75 22.21
N GLN A 87 -9.23 -9.46 21.68
CA GLN A 87 -8.59 -10.50 22.46
C GLN A 87 -7.27 -10.96 21.91
N PRO A 88 -6.39 -11.44 22.81
CA PRO A 88 -5.07 -11.95 22.40
C PRO A 88 -5.38 -13.12 21.48
N ILE A 89 -4.51 -13.38 20.51
CA ILE A 89 -4.74 -14.46 19.57
C ILE A 89 -5.06 -15.82 20.21
N ASP A 90 -4.39 -16.14 21.31
CA ASP A 90 -4.62 -17.42 21.98
C ASP A 90 -5.92 -17.50 22.79
N LYS A 91 -6.58 -16.37 22.99
CA LYS A 91 -7.83 -16.34 23.75
C LYS A 91 -9.05 -16.45 22.85
N TYR A 92 -8.88 -16.19 21.56
CA TYR A 92 -9.98 -16.31 20.61
C TYR A 92 -10.25 -17.80 20.45
N ALA A 93 -11.43 -18.13 19.97
CA ALA A 93 -11.78 -19.50 19.68
C ALA A 93 -11.68 -19.47 18.16
N VAL A 94 -11.34 -20.59 17.53
CA VAL A 94 -11.24 -20.58 16.08
C VAL A 94 -12.58 -20.19 15.46
N GLU A 95 -13.66 -20.54 16.13
CA GLU A 95 -15.00 -20.21 15.64
C GLU A 95 -15.20 -18.70 15.60
N ASP A 96 -14.49 -17.96 16.45
CA ASP A 96 -14.63 -16.51 16.46
C ASP A 96 -14.12 -15.93 15.14
N TYR A 97 -13.12 -16.58 14.55
CA TYR A 97 -12.58 -16.10 13.28
C TYR A 97 -13.50 -16.55 12.16
N ARG A 98 -14.01 -17.78 12.26
CA ARG A 98 -14.92 -18.28 11.23
C ARG A 98 -16.16 -17.36 11.18
N GLY A 99 -16.60 -16.90 12.35
CA GLY A 99 -17.76 -16.02 12.38
C GLY A 99 -17.48 -14.68 11.73
N ALA A 100 -16.29 -14.12 12.00
CA ALA A 100 -15.90 -12.85 11.43
C ALA A 100 -15.82 -12.95 9.91
N VAL A 101 -15.20 -14.02 9.42
CA VAL A 101 -15.06 -14.22 7.99
C VAL A 101 -16.40 -14.45 7.31
N GLU A 102 -17.30 -15.20 7.95
CA GLU A 102 -18.61 -15.46 7.36
C GLU A 102 -19.36 -14.14 7.18
N ALA A 103 -19.37 -13.31 8.22
CA ALA A 103 -20.09 -12.04 8.18
C ALA A 103 -19.42 -10.96 7.34
N LEU A 104 -18.10 -10.95 7.29
CA LEU A 104 -17.40 -9.89 6.58
C LEU A 104 -16.81 -10.21 5.21
N GLN A 105 -16.73 -11.49 4.85
CA GLN A 105 -16.18 -11.87 3.55
C GLN A 105 -17.13 -12.75 2.75
N ILE A 106 -17.62 -13.81 3.36
CA ILE A 106 -18.52 -14.71 2.66
C ILE A 106 -19.80 -14.02 2.25
N ARG A 107 -20.35 -13.20 3.15
CA ARG A 107 -21.59 -12.49 2.85
C ARG A 107 -21.49 -11.57 1.63
N PRO A 108 -20.52 -10.64 1.61
CA PRO A 108 -20.46 -9.79 0.41
C PRO A 108 -20.20 -10.62 -0.84
N PHE A 109 -19.39 -11.67 -0.71
CA PHE A 109 -19.10 -12.54 -1.84
C PHE A 109 -20.40 -13.18 -2.34
N ALA A 110 -21.19 -13.71 -1.40
CA ALA A 110 -22.45 -14.35 -1.74
C ALA A 110 -23.41 -13.41 -2.45
N LEU A 111 -23.48 -12.15 -2.00
CA LEU A 111 -24.36 -11.17 -2.61
C LEU A 111 -23.92 -10.86 -4.05
N VAL A 112 -22.63 -10.67 -4.28
CA VAL A 112 -22.15 -10.39 -5.62
C VAL A 112 -22.35 -11.63 -6.49
N ASN A 113 -22.10 -12.80 -5.90
CA ASN A 113 -22.26 -14.06 -6.61
C ASN A 113 -23.71 -14.23 -7.12
N ALA A 114 -24.66 -13.70 -6.37
CA ALA A 114 -26.07 -13.81 -6.73
C ALA A 114 -26.59 -12.74 -7.69
N VAL A 115 -25.94 -11.57 -7.73
CA VAL A 115 -26.42 -10.49 -8.59
C VAL A 115 -25.57 -10.19 -9.82
N ALA A 116 -24.34 -10.67 -9.83
CA ALA A 116 -23.43 -10.41 -10.94
C ALA A 116 -23.95 -10.80 -12.33
N SER A 117 -24.56 -11.98 -12.45
CA SER A 117 -25.03 -12.41 -13.75
C SER A 117 -26.01 -11.42 -14.40
N GLN A 118 -26.97 -10.91 -13.64
CA GLN A 118 -27.91 -9.98 -14.25
C GLN A 118 -27.23 -8.67 -14.64
N MET A 119 -26.29 -8.19 -13.83
CA MET A 119 -25.58 -6.95 -14.16
C MET A 119 -24.73 -7.14 -15.41
N LYS A 120 -24.07 -8.28 -15.51
CA LYS A 120 -23.21 -8.57 -16.65
C LYS A 120 -24.01 -8.66 -17.94
N LYS A 121 -25.21 -9.21 -17.86
CA LYS A 121 -26.08 -9.33 -19.04
C LYS A 121 -26.44 -7.95 -19.59
N ARG A 122 -26.71 -7.01 -18.69
CA ARG A 122 -27.07 -5.65 -19.08
C ARG A 122 -25.84 -4.82 -19.35
N LYS A 123 -24.71 -5.26 -18.78
CA LYS A 123 -23.45 -4.54 -18.87
C LYS A 123 -23.64 -3.21 -18.17
N SER A 124 -24.22 -3.27 -16.98
CA SER A 124 -24.44 -2.08 -16.16
C SER A 124 -24.70 -2.48 -14.71
N GLY A 125 -24.22 -1.66 -13.80
CA GLY A 125 -24.40 -1.94 -12.39
C GLY A 125 -23.24 -1.36 -11.61
N HIS A 126 -23.43 -1.21 -10.30
CA HIS A 126 -22.38 -0.70 -9.43
C HIS A 126 -22.38 -1.52 -8.15
N ILE A 127 -21.20 -1.87 -7.68
CA ILE A 127 -21.06 -2.67 -6.46
C ILE A 127 -20.20 -1.91 -5.47
N ILE A 128 -20.71 -1.76 -4.25
CA ILE A 128 -20.01 -1.05 -3.19
C ILE A 128 -20.01 -1.89 -1.92
N PHE A 129 -18.81 -2.11 -1.37
CA PHE A 129 -18.69 -2.85 -0.12
C PHE A 129 -18.36 -1.82 0.94
N ILE A 130 -19.01 -1.91 2.10
CA ILE A 130 -18.65 -1.00 3.17
C ILE A 130 -17.82 -1.96 4.03
N THR A 131 -16.52 -1.70 4.11
CA THR A 131 -15.62 -2.56 4.86
C THR A 131 -15.10 -1.91 6.12
N SER A 132 -13.81 -1.58 6.15
CA SER A 132 -13.22 -0.96 7.33
C SER A 132 -11.83 -0.40 7.04
N ALA A 133 -11.44 0.63 7.77
CA ALA A 133 -10.13 1.23 7.60
C ALA A 133 -9.14 0.58 8.56
N THR A 134 -9.64 -0.34 9.40
CA THR A 134 -8.76 -1.01 10.35
C THR A 134 -7.55 -1.70 9.71
N PRO A 135 -7.70 -2.25 8.49
CA PRO A 135 -6.54 -2.90 7.88
C PRO A 135 -5.39 -1.92 7.63
N PHE A 136 -5.74 -0.65 7.44
CA PHE A 136 -4.74 0.38 7.17
C PHE A 136 -3.95 0.74 8.43
N GLY A 137 -4.58 0.63 9.58
CA GLY A 137 -3.90 0.94 10.84
C GLY A 137 -4.44 0.00 11.89
N PRO A 138 -3.95 -1.25 11.92
CA PRO A 138 -4.40 -2.26 12.89
C PRO A 138 -4.12 -1.97 14.35
N TRP A 139 -5.12 -2.20 15.20
CA TRP A 139 -4.96 -2.04 16.63
C TRP A 139 -4.54 -3.43 17.06
N LYS A 140 -3.84 -3.57 18.19
CA LYS A 140 -3.48 -4.90 18.63
C LYS A 140 -4.72 -5.57 19.22
N GLU A 141 -4.74 -6.90 19.17
CA GLU A 141 -5.83 -7.70 19.71
C GLU A 141 -7.19 -7.68 19.02
N LEU A 142 -7.19 -7.48 17.70
CA LEU A 142 -8.44 -7.49 16.92
C LEU A 142 -8.10 -8.15 15.58
N SER A 143 -7.31 -9.23 15.64
CA SER A 143 -6.85 -9.92 14.45
C SER A 143 -7.93 -10.54 13.55
N THR A 144 -9.02 -11.00 14.15
CA THR A 144 -10.10 -11.63 13.40
C THR A 144 -10.81 -10.60 12.50
N TYR A 145 -11.40 -9.61 13.14
CA TYR A 145 -12.13 -8.56 12.45
C TYR A 145 -11.26 -7.83 11.42
N THR A 146 -10.08 -7.40 11.85
CA THR A 146 -9.18 -6.67 10.97
C THR A 146 -8.79 -7.43 9.72
N SER A 147 -8.36 -8.68 9.87
CA SER A 147 -7.95 -9.46 8.70
C SER A 147 -9.11 -9.80 7.77
N ALA A 148 -10.30 -10.05 8.33
CA ALA A 148 -11.46 -10.37 7.51
C ALA A 148 -11.83 -9.14 6.68
N ARG A 149 -11.73 -7.97 7.28
CA ARG A 149 -12.05 -6.73 6.58
C ARG A 149 -11.06 -6.50 5.45
N ALA A 150 -9.81 -6.92 5.65
CA ALA A 150 -8.79 -6.78 4.63
C ALA A 150 -9.17 -7.68 3.45
N GLY A 151 -9.71 -8.85 3.77
CA GLY A 151 -10.12 -9.78 2.74
C GLY A 151 -11.23 -9.18 1.90
N ALA A 152 -12.17 -8.50 2.55
CA ALA A 152 -13.28 -7.87 1.84
C ALA A 152 -12.78 -6.75 0.93
N CYS A 153 -11.81 -5.98 1.39
CA CYS A 153 -11.25 -4.89 0.59
C CYS A 153 -10.62 -5.44 -0.69
N THR A 154 -9.79 -6.47 -0.52
CA THR A 154 -9.14 -7.08 -1.68
C THR A 154 -10.18 -7.77 -2.58
N LEU A 155 -11.24 -8.29 -2.00
CA LEU A 155 -12.27 -8.95 -2.79
C LEU A 155 -12.85 -7.93 -3.76
N ALA A 156 -13.12 -6.73 -3.27
CA ALA A 156 -13.66 -5.65 -4.10
C ALA A 156 -12.69 -5.30 -5.21
N ASN A 157 -11.42 -5.10 -4.86
CA ASN A 157 -10.42 -4.76 -5.86
C ASN A 157 -10.27 -5.88 -6.89
N ALA A 158 -10.26 -7.13 -6.44
CA ALA A 158 -10.14 -8.24 -7.39
C ALA A 158 -11.34 -8.29 -8.32
N LEU A 159 -12.53 -8.08 -7.78
CA LEU A 159 -13.73 -8.12 -8.61
C LEU A 159 -13.75 -7.04 -9.68
N SER A 160 -13.21 -5.86 -9.37
CA SER A 160 -13.19 -4.77 -10.35
C SER A 160 -12.46 -5.20 -11.63
N LYS A 161 -11.44 -6.06 -11.49
CA LYS A 161 -10.66 -6.51 -12.63
C LYS A 161 -11.48 -7.29 -13.65
N GLU A 162 -12.41 -8.13 -13.17
CA GLU A 162 -13.22 -8.92 -14.09
C GLU A 162 -14.51 -8.23 -14.50
N LEU A 163 -15.12 -7.49 -13.59
CA LEU A 163 -16.38 -6.83 -13.91
C LEU A 163 -16.24 -5.56 -14.75
N GLY A 164 -15.04 -5.00 -14.81
CA GLY A 164 -14.84 -3.81 -15.62
C GLY A 164 -15.18 -4.04 -17.09
N GLU A 165 -14.93 -5.26 -17.56
CA GLU A 165 -15.21 -5.64 -18.95
C GLU A 165 -16.71 -5.54 -19.25
N TYR A 166 -17.53 -5.61 -18.21
CA TYR A 166 -18.97 -5.54 -18.35
C TYR A 166 -19.48 -4.18 -17.89
N ASN A 167 -18.56 -3.22 -17.77
CA ASN A 167 -18.87 -1.86 -17.37
C ASN A 167 -19.50 -1.76 -15.97
N ILE A 168 -19.02 -2.62 -15.08
CA ILE A 168 -19.51 -2.65 -13.70
C ILE A 168 -18.42 -2.23 -12.72
N PRO A 169 -18.50 -1.00 -12.18
CA PRO A 169 -17.49 -0.56 -11.24
C PRO A 169 -17.68 -1.24 -9.88
N VAL A 170 -16.58 -1.51 -9.19
CA VAL A 170 -16.63 -2.14 -7.87
C VAL A 170 -15.74 -1.32 -6.94
N PHE A 171 -16.30 -0.90 -5.80
CA PHE A 171 -15.56 -0.11 -4.83
C PHE A 171 -15.69 -0.67 -3.42
N ALA A 172 -14.77 -0.24 -2.55
CA ALA A 172 -14.81 -0.63 -1.15
C ALA A 172 -14.60 0.67 -0.37
N ILE A 173 -15.47 0.93 0.59
CA ILE A 173 -15.35 2.12 1.41
C ILE A 173 -15.02 1.61 2.80
N GLY A 174 -13.81 1.90 3.27
CA GLY A 174 -13.39 1.44 4.59
C GLY A 174 -13.42 2.57 5.59
N PRO A 175 -14.46 2.61 6.43
CA PRO A 175 -14.51 3.70 7.41
C PRO A 175 -13.89 3.36 8.77
N ASN A 176 -13.75 4.40 9.57
CA ASN A 176 -13.33 4.27 10.96
C ASN A 176 -13.79 5.57 11.58
N TYR A 177 -14.16 5.50 12.85
CA TYR A 177 -14.66 6.65 13.57
C TYR A 177 -15.85 7.28 12.86
N LEU A 178 -16.64 6.43 12.22
CA LEU A 178 -17.84 6.86 11.51
C LEU A 178 -19.01 6.87 12.50
N HIS A 179 -19.55 8.05 12.78
CA HIS A 179 -20.69 8.17 13.70
C HIS A 179 -21.80 7.22 13.24
N SER A 180 -22.32 6.40 14.15
CA SER A 180 -23.37 5.45 13.77
C SER A 180 -24.70 5.74 14.45
N GLU A 181 -24.78 6.90 15.09
CA GLU A 181 -25.99 7.35 15.77
C GLU A 181 -26.53 6.38 16.81
N ASP A 182 -27.71 5.80 16.57
CA ASP A 182 -28.29 4.86 17.53
C ASP A 182 -27.74 3.44 17.41
N SER A 183 -27.05 3.16 16.31
CA SER A 183 -26.49 1.83 16.10
C SER A 183 -25.18 1.66 16.84
N PRO A 184 -24.96 0.47 17.44
CA PRO A 184 -23.73 0.17 18.18
C PRO A 184 -22.57 -0.19 17.26
N TYR A 185 -22.84 -0.27 15.97
CA TYR A 185 -21.83 -0.59 14.95
C TYR A 185 -21.46 0.68 14.18
N PHE A 186 -20.39 1.38 14.55
CA PHE A 186 -19.52 1.02 15.65
C PHE A 186 -19.17 2.22 16.52
N TYR A 187 -19.76 3.38 16.21
CA TYR A 187 -19.49 4.59 16.99
C TYR A 187 -20.77 5.36 17.28
N PRO A 188 -21.61 4.81 18.17
CA PRO A 188 -22.88 5.45 18.54
C PRO A 188 -22.69 6.78 19.26
N THR A 189 -23.71 7.64 19.16
CA THR A 189 -23.70 8.94 19.79
C THR A 189 -23.25 8.80 21.25
N GLU A 190 -23.83 7.83 21.94
CA GLU A 190 -23.47 7.55 23.33
C GLU A 190 -22.50 6.38 23.21
N PRO A 191 -21.25 6.56 23.69
CA PRO A 191 -20.67 7.74 24.33
C PRO A 191 -19.71 8.54 23.45
N TRP A 192 -19.58 8.19 22.17
CA TRP A 192 -18.62 8.87 21.32
C TRP A 192 -18.73 10.37 21.09
N LYS A 193 -19.91 10.94 21.33
CA LYS A 193 -20.08 12.38 21.16
C LYS A 193 -20.42 13.02 22.50
N THR A 194 -20.65 12.19 23.50
CA THR A 194 -21.05 12.69 24.82
C THR A 194 -20.13 12.47 26.01
N ASN A 195 -19.19 11.52 25.92
CA ASN A 195 -18.29 11.29 27.04
C ASN A 195 -16.93 11.92 26.73
N PRO A 196 -16.40 12.74 27.65
CA PRO A 196 -15.11 13.42 27.49
C PRO A 196 -13.96 12.56 26.98
N GLU A 197 -13.67 11.47 27.69
CA GLU A 197 -12.57 10.59 27.28
C GLU A 197 -12.71 10.12 25.84
N HIS A 198 -13.94 9.81 25.41
CA HIS A 198 -14.15 9.36 24.05
C HIS A 198 -14.00 10.51 23.06
N VAL A 199 -14.57 11.66 23.38
CA VAL A 199 -14.46 12.83 22.50
C VAL A 199 -12.98 13.19 22.31
N ALA A 200 -12.22 13.11 23.39
CA ALA A 200 -10.79 13.43 23.36
C ALA A 200 -10.00 12.41 22.55
N HIS A 201 -10.40 11.14 22.61
CA HIS A 201 -9.71 10.09 21.87
C HIS A 201 -9.83 10.35 20.38
N VAL A 202 -11.06 10.63 19.95
CA VAL A 202 -11.32 10.90 18.53
C VAL A 202 -10.54 12.14 18.08
N LYS A 203 -10.44 13.12 18.96
CA LYS A 203 -9.73 14.36 18.68
C LYS A 203 -8.26 14.07 18.44
N LYS A 204 -7.73 13.10 19.18
CA LYS A 204 -6.33 12.76 19.08
C LYS A 204 -5.95 11.86 17.91
N VAL A 205 -6.78 10.85 17.61
CA VAL A 205 -6.46 9.91 16.54
C VAL A 205 -6.88 10.25 15.12
N THR A 206 -7.71 11.27 14.94
CA THR A 206 -8.14 11.66 13.58
C THR A 206 -7.57 13.04 13.25
N ALA A 207 -7.23 13.23 11.98
CA ALA A 207 -6.68 14.51 11.53
C ALA A 207 -7.73 15.63 11.64
N LEU A 208 -8.96 15.32 11.27
CA LEU A 208 -10.05 16.31 11.33
C LEU A 208 -10.60 16.49 12.74
N GLN A 209 -10.10 15.65 13.66
CA GLN A 209 -10.49 15.70 15.07
C GLN A 209 -11.99 15.66 15.35
N ARG A 210 -12.67 14.71 14.70
CA ARG A 210 -14.10 14.53 14.87
C ARG A 210 -14.48 13.20 14.25
N LEU A 211 -15.70 12.75 14.54
CA LEU A 211 -16.21 11.53 13.96
C LEU A 211 -16.69 11.86 12.55
N GLY A 212 -16.74 10.85 11.68
CA GLY A 212 -17.23 11.06 10.33
C GLY A 212 -18.74 11.04 10.45
N THR A 213 -19.44 11.69 9.53
CA THR A 213 -20.90 11.73 9.60
C THR A 213 -21.55 10.74 8.62
N GLN A 214 -22.76 10.32 8.94
CA GLN A 214 -23.49 9.42 8.06
C GLN A 214 -23.70 10.14 6.74
N LYS A 215 -23.85 11.45 6.82
CA LYS A 215 -24.06 12.28 5.64
C LYS A 215 -22.88 12.14 4.69
N GLU A 216 -21.66 12.24 5.22
CA GLU A 216 -20.47 12.12 4.39
C GLU A 216 -20.41 10.75 3.72
N LEU A 217 -20.70 9.69 4.46
CA LEU A 217 -20.67 8.35 3.89
C LEU A 217 -21.73 8.23 2.80
N GLY A 218 -22.91 8.79 3.07
CA GLY A 218 -24.00 8.74 2.11
C GLY A 218 -23.68 9.45 0.82
N GLU A 219 -23.05 10.62 0.93
CA GLU A 219 -22.67 11.41 -0.24
C GLU A 219 -21.70 10.62 -1.13
N LEU A 220 -20.75 9.94 -0.50
CA LEU A 220 -19.79 9.16 -1.26
C LEU A 220 -20.48 8.01 -1.97
N VAL A 221 -21.35 7.30 -1.26
CA VAL A 221 -22.07 6.18 -1.86
C VAL A 221 -22.92 6.64 -3.04
N ALA A 222 -23.65 7.74 -2.85
CA ALA A 222 -24.50 8.24 -3.92
C ALA A 222 -23.66 8.72 -5.10
N PHE A 223 -22.54 9.37 -4.82
CA PHE A 223 -21.65 9.87 -5.87
C PHE A 223 -21.14 8.70 -6.73
N LEU A 224 -20.64 7.66 -6.07
CA LEU A 224 -20.11 6.49 -6.77
C LEU A 224 -21.20 5.77 -7.56
N ALA A 225 -22.40 5.66 -6.98
CA ALA A 225 -23.51 4.97 -7.63
C ALA A 225 -24.15 5.76 -8.77
N SER A 226 -23.86 7.06 -8.83
CA SER A 226 -24.44 7.93 -9.85
C SER A 226 -23.88 7.71 -11.25
N GLY A 227 -22.70 7.09 -11.34
CA GLY A 227 -22.09 6.88 -12.64
C GLY A 227 -21.29 8.10 -13.04
N SER A 228 -21.04 8.98 -12.09
CA SER A 228 -20.28 10.20 -12.35
C SER A 228 -18.77 9.97 -12.39
N CYS A 229 -18.32 8.89 -11.75
CA CYS A 229 -16.89 8.62 -11.71
C CYS A 229 -16.56 7.12 -11.66
N ASP A 230 -17.03 6.39 -12.66
CA ASP A 230 -16.78 4.95 -12.73
C ASP A 230 -15.30 4.62 -12.83
N TYR A 231 -14.50 5.56 -13.35
CA TYR A 231 -13.08 5.32 -13.53
C TYR A 231 -12.30 5.10 -12.24
N LEU A 232 -12.97 5.22 -11.11
CA LEU A 232 -12.33 4.99 -9.82
C LEU A 232 -12.48 3.52 -9.45
N THR A 233 -13.04 2.72 -10.35
CA THR A 233 -13.27 1.31 -10.05
C THR A 233 -12.02 0.62 -9.49
N GLY A 234 -12.23 -0.19 -8.46
CA GLY A 234 -11.14 -0.91 -7.83
C GLY A 234 -10.62 -0.21 -6.59
N GLN A 235 -11.05 1.04 -6.41
CA GLN A 235 -10.62 1.85 -5.28
C GLN A 235 -11.14 1.42 -3.92
N VAL A 236 -10.27 1.52 -2.93
CA VAL A 236 -10.62 1.25 -1.54
C VAL A 236 -10.49 2.63 -0.95
N PHE A 237 -11.61 3.20 -0.51
CA PHE A 237 -11.62 4.55 0.05
C PHE A 237 -11.44 4.50 1.57
N TRP A 238 -10.49 5.26 2.09
CA TRP A 238 -10.28 5.31 3.54
C TRP A 238 -11.06 6.49 4.11
N LEU A 239 -12.28 6.21 4.56
CA LEU A 239 -13.17 7.23 5.12
C LEU A 239 -12.90 7.26 6.61
N ALA A 240 -11.74 7.77 7.01
CA ALA A 240 -11.36 7.80 8.42
C ALA A 240 -10.87 9.14 8.94
N GLY A 241 -11.20 10.21 8.23
CA GLY A 241 -10.82 11.55 8.65
C GLY A 241 -9.34 11.81 8.90
N GLY A 242 -8.47 11.09 8.20
CA GLY A 242 -7.05 11.29 8.39
C GLY A 242 -6.44 10.30 9.36
N PHE A 243 -7.27 9.43 9.93
CA PHE A 243 -6.76 8.40 10.83
C PHE A 243 -5.83 7.53 9.98
N PRO A 244 -4.73 7.05 10.57
CA PRO A 244 -4.35 7.29 11.97
C PRO A 244 -3.35 8.42 12.16
N MET A 245 -3.47 9.12 13.29
CA MET A 245 -2.55 10.19 13.63
C MET A 245 -1.48 9.47 14.44
N ILE A 246 -0.22 9.65 14.04
CA ILE A 246 0.89 8.97 14.71
C ILE A 246 1.55 9.77 15.83
N GLU A 247 1.68 9.13 16.98
CA GLU A 247 2.30 9.72 18.16
C GLU A 247 3.69 10.29 17.84
N ARG A 248 3.92 11.56 18.19
CA ARG A 248 5.21 12.18 17.93
C ARG A 248 6.15 12.11 19.13
N TRP A 249 7.41 12.48 18.91
CA TRP A 249 8.43 12.43 19.95
C TRP A 249 8.08 13.24 21.20
N PRO A 250 8.70 12.91 22.33
CA PRO A 250 8.45 13.62 23.59
C PRO A 250 8.74 15.12 23.42
N GLY A 251 7.91 15.96 24.04
CA GLY A 251 8.13 17.39 23.94
C GLY A 251 7.40 18.08 22.81
N MET A 252 7.01 17.31 21.80
CA MET A 252 6.28 17.88 20.67
C MET A 252 4.81 18.01 21.01
N PRO A 253 4.18 19.15 20.65
CA PRO A 253 2.76 19.36 20.94
C PRO A 253 1.82 18.40 20.21
N SER B 2 16.95 -24.37 16.96
CA SER B 2 15.66 -24.50 17.71
C SER B 2 14.76 -25.50 17.01
N THR B 3 13.48 -25.53 17.39
CA THR B 3 12.54 -26.45 16.79
C THR B 3 11.55 -25.70 15.90
N ALA B 4 11.45 -26.13 14.64
CA ALA B 4 10.56 -25.48 13.71
C ALA B 4 9.50 -26.44 13.18
N ILE B 5 8.38 -25.88 12.74
CA ILE B 5 7.31 -26.66 12.13
C ILE B 5 7.05 -26.05 10.76
N VAL B 6 7.01 -26.89 9.74
CA VAL B 6 6.73 -26.43 8.37
C VAL B 6 5.57 -27.29 7.90
N THR B 7 4.45 -26.65 7.58
CA THR B 7 3.24 -27.35 7.13
C THR B 7 3.24 -27.61 5.62
N ASN B 8 2.38 -28.55 5.19
CA ASN B 8 2.26 -28.91 3.77
C ASN B 8 3.66 -28.88 3.14
N VAL B 9 4.60 -29.55 3.79
CA VAL B 9 5.99 -29.55 3.36
C VAL B 9 6.28 -29.95 1.92
N LYS B 10 5.48 -30.84 1.35
CA LYS B 10 5.72 -31.27 -0.03
C LYS B 10 5.33 -30.24 -1.09
N HIS B 11 4.61 -29.20 -0.68
CA HIS B 11 4.13 -28.21 -1.64
C HIS B 11 4.49 -26.74 -1.40
N PHE B 12 4.32 -25.95 -2.44
CA PHE B 12 4.53 -24.51 -2.37
C PHE B 12 5.90 -24.14 -1.78
N GLY B 13 5.92 -23.42 -0.66
CA GLY B 13 7.19 -23.06 -0.06
C GLY B 13 7.68 -24.05 0.98
N GLY B 14 7.06 -25.22 1.03
CA GLY B 14 7.42 -26.22 2.01
C GLY B 14 8.84 -26.80 1.99
N MET B 15 9.27 -27.35 0.86
CA MET B 15 10.59 -27.95 0.78
C MET B 15 11.73 -26.94 0.99
N GLY B 16 11.67 -25.80 0.30
CA GLY B 16 12.72 -24.81 0.49
C GLY B 16 12.84 -24.41 1.95
N SER B 17 11.71 -24.16 2.60
CA SER B 17 11.69 -23.77 4.00
C SER B 17 12.28 -24.83 4.91
N ALA B 18 11.78 -26.06 4.79
CA ALA B 18 12.24 -27.16 5.63
C ALA B 18 13.72 -27.48 5.42
N LEU B 19 14.12 -27.63 4.16
CA LEU B 19 15.51 -27.95 3.81
C LEU B 19 16.52 -26.92 4.32
N ARG B 20 16.24 -25.63 4.11
CA ARG B 20 17.17 -24.60 4.56
C ARG B 20 17.17 -24.44 6.08
N LEU B 21 16.01 -24.56 6.71
CA LEU B 21 15.90 -24.45 8.17
C LEU B 21 16.74 -25.57 8.78
N SER B 22 16.68 -26.76 8.18
CA SER B 22 17.45 -27.89 8.69
C SER B 22 18.94 -27.64 8.49
N GLU B 23 19.31 -27.10 7.34
CA GLU B 23 20.71 -26.81 7.07
C GLU B 23 21.24 -25.78 8.06
N ALA B 24 20.34 -24.97 8.59
CA ALA B 24 20.71 -23.94 9.57
C ALA B 24 20.89 -24.54 10.96
N GLY B 25 20.58 -25.82 11.11
CA GLY B 25 20.75 -26.49 12.39
C GLY B 25 19.48 -26.74 13.20
N HIS B 26 18.33 -26.33 12.68
CA HIS B 26 17.08 -26.52 13.40
C HIS B 26 16.51 -27.92 13.24
N THR B 27 15.72 -28.33 14.22
CA THR B 27 15.03 -29.61 14.19
C THR B 27 13.76 -29.20 13.46
N VAL B 28 13.48 -29.81 12.32
CA VAL B 28 12.30 -29.42 11.55
C VAL B 28 11.20 -30.46 11.46
N ALA B 29 10.14 -30.25 12.25
CA ALA B 29 9.00 -31.16 12.25
C ALA B 29 8.16 -30.76 11.04
N CYS B 30 7.80 -31.74 10.21
CA CYS B 30 7.04 -31.47 9.00
C CYS B 30 5.63 -32.07 8.95
N HIS B 31 4.69 -31.27 8.46
CA HIS B 31 3.31 -31.71 8.31
C HIS B 31 2.96 -31.78 6.83
N ASP B 32 2.03 -32.66 6.49
CA ASP B 32 1.56 -32.81 5.12
C ASP B 32 0.36 -33.74 5.14
N GLU B 33 -0.62 -33.47 4.27
CA GLU B 33 -1.82 -34.29 4.23
C GLU B 33 -1.49 -35.75 3.95
N SER B 34 -0.48 -35.99 3.12
CA SER B 34 -0.09 -37.36 2.78
C SER B 34 0.45 -38.15 3.97
N PHE B 35 1.00 -37.45 4.96
CA PHE B 35 1.56 -38.12 6.13
C PHE B 35 0.50 -38.85 6.95
N LYS B 36 -0.75 -38.74 6.51
CA LYS B 36 -1.86 -39.43 7.18
C LYS B 36 -1.62 -40.92 6.99
N GLN B 37 -1.04 -41.27 5.85
CA GLN B 37 -0.74 -42.67 5.53
C GLN B 37 0.69 -43.00 5.96
N LYS B 38 0.84 -44.09 6.71
CA LYS B 38 2.14 -44.52 7.20
C LYS B 38 3.18 -44.67 6.08
N ASP B 39 2.75 -45.25 4.97
CA ASP B 39 3.66 -45.45 3.83
C ASP B 39 4.25 -44.15 3.33
N GLU B 40 3.43 -43.12 3.25
CA GLU B 40 3.87 -41.81 2.78
C GLU B 40 4.86 -41.16 3.74
N LEU B 41 4.56 -41.22 5.04
CA LEU B 41 5.41 -40.62 6.06
C LEU B 41 6.79 -41.29 6.11
N GLU B 42 6.82 -42.61 6.00
CA GLU B 42 8.09 -43.33 6.05
C GLU B 42 8.92 -43.10 4.79
N ALA B 43 8.26 -43.06 3.64
CA ALA B 43 8.96 -42.82 2.38
C ALA B 43 9.64 -41.46 2.43
N PHE B 44 8.97 -40.49 3.03
CA PHE B 44 9.49 -39.14 3.16
C PHE B 44 10.66 -39.10 4.16
N ALA B 45 10.50 -39.82 5.27
CA ALA B 45 11.54 -39.86 6.29
C ALA B 45 12.82 -40.49 5.74
N GLU B 46 12.67 -41.45 4.84
CA GLU B 46 13.81 -42.12 4.25
C GLU B 46 14.53 -41.21 3.26
N THR B 47 13.75 -40.54 2.41
CA THR B 47 14.32 -39.64 1.42
C THR B 47 14.94 -38.41 2.08
N TYR B 48 14.28 -37.89 3.11
CA TYR B 48 14.79 -36.72 3.83
C TYR B 48 14.96 -37.06 5.30
N PRO B 49 16.04 -37.79 5.63
CA PRO B 49 16.34 -38.21 7.00
C PRO B 49 16.63 -37.06 7.97
N GLN B 50 16.92 -35.87 7.44
CA GLN B 50 17.22 -34.72 8.28
C GLN B 50 15.93 -34.06 8.77
N LEU B 51 14.82 -34.41 8.14
CA LEU B 51 13.52 -33.87 8.51
C LEU B 51 12.75 -34.82 9.42
N LYS B 52 11.78 -34.29 10.15
CA LYS B 52 10.98 -35.10 11.07
C LYS B 52 9.49 -35.04 10.67
N PRO B 53 9.06 -35.90 9.75
CA PRO B 53 7.64 -35.87 9.37
C PRO B 53 6.74 -36.32 10.51
N MET B 54 5.62 -35.62 10.69
CA MET B 54 4.64 -35.93 11.73
C MET B 54 3.36 -36.42 11.06
N SER B 55 2.61 -37.29 11.71
CA SER B 55 1.36 -37.79 11.15
C SER B 55 0.20 -36.85 11.45
N GLU B 56 0.33 -36.09 12.54
CA GLU B 56 -0.71 -35.17 12.96
C GLU B 56 -1.19 -34.24 11.83
N GLN B 57 -2.51 -34.06 11.77
CA GLN B 57 -3.12 -33.24 10.74
C GLN B 57 -3.72 -31.92 11.23
N GLU B 58 -4.42 -31.97 12.36
CA GLU B 58 -5.05 -30.78 12.91
C GLU B 58 -4.07 -29.89 13.68
N PRO B 59 -4.33 -28.58 13.72
CA PRO B 59 -3.50 -27.58 14.40
C PRO B 59 -3.10 -27.90 15.83
N ALA B 60 -4.09 -28.12 16.70
CA ALA B 60 -3.82 -28.41 18.10
C ALA B 60 -2.99 -29.68 18.31
N GLU B 61 -3.39 -30.77 17.66
CA GLU B 61 -2.65 -32.01 17.82
C GLU B 61 -1.23 -31.91 17.27
N LEU B 62 -1.07 -31.16 16.18
CA LEU B 62 0.26 -30.99 15.59
C LEU B 62 1.19 -30.24 16.54
N ILE B 63 0.71 -29.09 17.04
CA ILE B 63 1.51 -28.30 17.96
C ILE B 63 1.86 -29.12 19.21
N GLU B 64 0.88 -29.85 19.71
CA GLU B 64 1.09 -30.68 20.89
C GLU B 64 2.09 -31.80 20.64
N ALA B 65 1.96 -32.46 19.49
CA ALA B 65 2.85 -33.56 19.15
C ALA B 65 4.30 -33.13 19.02
N VAL B 66 4.53 -31.99 18.37
CA VAL B 66 5.87 -31.48 18.18
C VAL B 66 6.45 -31.04 19.53
N THR B 67 5.61 -30.42 20.34
CA THR B 67 6.04 -29.96 21.67
C THR B 67 6.43 -31.14 22.54
N SER B 68 5.65 -32.22 22.47
CA SER B 68 5.93 -33.41 23.27
C SER B 68 7.22 -34.09 22.82
N ALA B 69 7.37 -34.24 21.52
CA ALA B 69 8.54 -34.90 20.96
C ALA B 69 9.83 -34.09 21.01
N TYR B 70 9.75 -32.79 20.72
CA TYR B 70 10.94 -31.95 20.70
C TYR B 70 11.04 -30.82 21.72
N GLY B 71 10.21 -30.89 22.77
CA GLY B 71 10.27 -29.89 23.82
C GLY B 71 9.42 -28.64 23.66
N GLN B 72 9.43 -28.05 22.48
CA GLN B 72 8.66 -26.83 22.23
C GLN B 72 8.66 -26.48 20.75
N VAL B 73 7.87 -25.48 20.37
CA VAL B 73 7.81 -25.01 18.99
C VAL B 73 8.37 -23.59 19.00
N ASP B 74 9.56 -23.41 18.43
CA ASP B 74 10.19 -22.09 18.39
C ASP B 74 9.84 -21.32 17.13
N VAL B 75 9.70 -22.03 16.03
CA VAL B 75 9.40 -21.41 14.76
C VAL B 75 8.22 -22.09 14.08
N LEU B 76 7.26 -21.30 13.63
CA LEU B 76 6.10 -21.82 12.94
C LEU B 76 6.09 -21.27 11.53
N VAL B 77 6.19 -22.14 10.55
CA VAL B 77 6.14 -21.72 9.15
C VAL B 77 4.83 -22.28 8.62
N SER B 78 3.82 -21.41 8.54
CA SER B 78 2.52 -21.83 8.05
C SER B 78 2.50 -21.68 6.53
N ASN B 79 2.83 -22.77 5.86
CA ASN B 79 2.90 -22.85 4.40
C ASN B 79 1.55 -23.33 3.91
N ASP B 80 0.63 -22.38 3.76
CA ASP B 80 -0.73 -22.69 3.35
C ASP B 80 -0.99 -22.80 1.86
N ILE B 81 -1.81 -23.76 1.51
CA ILE B 81 -2.15 -24.01 0.11
C ILE B 81 -3.62 -24.26 -0.09
N PHE B 82 -4.06 -24.09 -1.33
CA PHE B 82 -5.42 -24.32 -1.74
C PHE B 82 -5.36 -24.41 -3.25
N ALA B 83 -6.23 -25.24 -3.84
CA ALA B 83 -6.26 -25.42 -5.28
C ALA B 83 -7.53 -24.79 -5.84
N PRO B 84 -7.49 -23.48 -6.14
CA PRO B 84 -8.64 -22.77 -6.67
C PRO B 84 -8.81 -22.92 -8.17
N GLU B 85 -10.02 -22.68 -8.65
CA GLU B 85 -10.29 -22.73 -10.08
C GLU B 85 -10.45 -21.26 -10.47
N PHE B 86 -10.07 -20.90 -11.69
CA PHE B 86 -10.25 -19.54 -12.15
C PHE B 86 -11.70 -19.53 -12.59
N GLN B 87 -12.50 -18.62 -12.04
CA GLN B 87 -13.91 -18.55 -12.39
C GLN B 87 -14.47 -17.15 -12.27
N PRO B 88 -15.45 -16.83 -13.13
CA PRO B 88 -16.08 -15.51 -13.06
C PRO B 88 -16.80 -15.58 -11.71
N ILE B 89 -16.98 -14.44 -11.05
CA ILE B 89 -17.63 -14.43 -9.74
C ILE B 89 -18.94 -15.22 -9.65
N ASP B 90 -19.78 -15.12 -10.67
CA ASP B 90 -21.07 -15.82 -10.65
C ASP B 90 -20.99 -17.32 -10.91
N LYS B 91 -19.84 -17.79 -11.40
CA LYS B 91 -19.66 -19.22 -11.69
C LYS B 91 -19.19 -19.99 -10.46
N TYR B 92 -18.62 -19.29 -9.48
CA TYR B 92 -18.17 -19.93 -8.25
C TYR B 92 -19.40 -20.34 -7.45
N ALA B 93 -19.19 -21.22 -6.49
CA ALA B 93 -20.23 -21.64 -5.57
C ALA B 93 -19.77 -20.93 -4.30
N VAL B 94 -20.68 -20.51 -3.43
CA VAL B 94 -20.24 -19.84 -2.22
C VAL B 94 -19.29 -20.75 -1.45
N GLU B 95 -19.54 -22.05 -1.53
CA GLU B 95 -18.69 -23.03 -0.84
C GLU B 95 -17.24 -22.97 -1.33
N ASP B 96 -17.04 -22.52 -2.56
CA ASP B 96 -15.68 -22.43 -3.11
C ASP B 96 -14.89 -21.34 -2.39
N TYR B 97 -15.58 -20.31 -1.93
CA TYR B 97 -14.92 -19.24 -1.19
C TYR B 97 -14.70 -19.70 0.24
N ARG B 98 -15.69 -20.39 0.81
CA ARG B 98 -15.54 -20.88 2.17
C ARG B 98 -14.35 -21.83 2.21
N GLY B 99 -14.19 -22.62 1.14
CA GLY B 99 -13.08 -23.55 1.07
C GLY B 99 -11.75 -22.82 1.02
N ALA B 100 -11.68 -21.76 0.24
CA ALA B 100 -10.46 -20.97 0.11
C ALA B 100 -10.11 -20.30 1.44
N VAL B 101 -11.09 -19.71 2.10
CA VAL B 101 -10.82 -19.04 3.36
C VAL B 101 -10.43 -20.01 4.48
N GLU B 102 -11.05 -21.18 4.50
CA GLU B 102 -10.73 -22.16 5.52
C GLU B 102 -9.28 -22.60 5.40
N ALA B 103 -8.83 -22.84 4.17
CA ALA B 103 -7.46 -23.31 3.94
C ALA B 103 -6.39 -22.22 4.01
N LEU B 104 -6.75 -21.01 3.61
CA LEU B 104 -5.78 -19.92 3.58
C LEU B 104 -5.81 -18.90 4.70
N GLN B 105 -6.89 -18.87 5.48
CA GLN B 105 -7.02 -17.93 6.59
C GLN B 105 -7.27 -18.60 7.92
N ILE B 106 -8.25 -19.48 7.97
CA ILE B 106 -8.59 -20.16 9.21
C ILE B 106 -7.45 -21.06 9.68
N ARG B 107 -6.81 -21.77 8.75
CA ARG B 107 -5.73 -22.66 9.12
C ARG B 107 -4.56 -21.94 9.80
N PRO B 108 -3.99 -20.90 9.15
CA PRO B 108 -2.88 -20.22 9.82
C PRO B 108 -3.31 -19.64 11.17
N PHE B 109 -4.52 -19.08 11.21
CA PHE B 109 -5.05 -18.52 12.45
C PHE B 109 -5.10 -19.60 13.53
N ALA B 110 -5.61 -20.77 13.17
CA ALA B 110 -5.72 -21.89 14.11
C ALA B 110 -4.37 -22.34 14.66
N LEU B 111 -3.36 -22.38 13.79
CA LEU B 111 -2.02 -22.77 14.20
C LEU B 111 -1.42 -21.78 15.19
N VAL B 112 -1.55 -20.48 14.92
CA VAL B 112 -1.02 -19.46 15.83
C VAL B 112 -1.82 -19.52 17.14
N ASN B 113 -3.14 -19.67 17.01
CA ASN B 113 -4.01 -19.76 18.16
C ASN B 113 -3.57 -20.91 19.08
N ALA B 114 -3.03 -21.97 18.47
CA ALA B 114 -2.61 -23.13 19.24
C ALA B 114 -1.20 -23.03 19.82
N VAL B 115 -0.32 -22.26 19.19
CA VAL B 115 1.07 -22.15 19.65
C VAL B 115 1.44 -20.85 20.36
N ALA B 116 0.62 -19.82 20.20
CA ALA B 116 0.90 -18.51 20.78
C ALA B 116 1.17 -18.50 22.28
N SER B 117 0.37 -19.24 23.04
CA SER B 117 0.54 -19.26 24.49
C SER B 117 1.92 -19.70 24.95
N GLN B 118 2.45 -20.79 24.39
CA GLN B 118 3.78 -21.23 24.83
C GLN B 118 4.86 -20.24 24.43
N MET B 119 4.72 -19.61 23.26
CA MET B 119 5.70 -18.62 22.82
C MET B 119 5.66 -17.39 23.73
N LYS B 120 4.46 -16.96 24.07
CA LYS B 120 4.31 -15.79 24.92
C LYS B 120 4.85 -16.01 26.33
N LYS B 121 4.64 -17.21 26.87
CA LYS B 121 5.11 -17.53 28.21
C LYS B 121 6.61 -17.41 28.35
N ARG B 122 7.36 -17.85 27.35
CA ARG B 122 8.82 -17.76 27.42
C ARG B 122 9.35 -16.53 26.70
N LYS B 123 8.45 -15.75 26.11
CA LYS B 123 8.82 -14.54 25.38
C LYS B 123 9.83 -14.79 24.26
N SER B 124 9.55 -15.78 23.42
CA SER B 124 10.43 -16.08 22.30
C SER B 124 9.69 -16.92 21.27
N GLY B 125 10.00 -16.68 20.01
CA GLY B 125 9.36 -17.41 18.94
C GLY B 125 9.31 -16.60 17.66
N HIS B 126 9.10 -17.28 16.55
CA HIS B 126 8.99 -16.63 15.26
C HIS B 126 7.85 -17.28 14.50
N ILE B 127 7.02 -16.45 13.88
CA ILE B 127 5.89 -16.93 13.10
C ILE B 127 6.00 -16.38 11.69
N ILE B 128 5.94 -17.28 10.71
CA ILE B 128 6.03 -16.89 9.31
C ILE B 128 4.90 -17.53 8.52
N PHE B 129 4.13 -16.72 7.80
CA PHE B 129 3.04 -17.22 6.96
C PHE B 129 3.53 -17.19 5.51
N ILE B 130 3.31 -18.26 4.76
CA ILE B 130 3.66 -18.24 3.35
C ILE B 130 2.28 -17.96 2.73
N THR B 131 2.11 -16.77 2.18
CA THR B 131 0.83 -16.37 1.61
C THR B 131 0.87 -16.30 0.09
N SER B 132 0.75 -15.10 -0.48
CA SER B 132 0.79 -14.94 -1.93
C SER B 132 0.97 -13.49 -2.30
N ALA B 133 1.52 -13.26 -3.49
CA ALA B 133 1.71 -11.90 -3.97
C ALA B 133 0.53 -11.50 -4.84
N THR B 134 -0.43 -12.41 -5.04
CA THR B 134 -1.58 -12.11 -5.87
C THR B 134 -2.35 -10.86 -5.39
N PRO B 135 -2.39 -10.61 -4.08
CA PRO B 135 -3.11 -9.42 -3.64
C PRO B 135 -2.49 -8.13 -4.17
N PHE B 136 -1.19 -8.17 -4.43
CA PHE B 136 -0.47 -6.99 -4.92
C PHE B 136 -0.79 -6.70 -6.39
N GLY B 137 -1.10 -7.76 -7.15
CA GLY B 137 -1.44 -7.60 -8.54
C GLY B 137 -2.43 -8.69 -8.92
N PRO B 138 -3.71 -8.51 -8.58
CA PRO B 138 -4.75 -9.49 -8.88
C PRO B 138 -5.02 -9.75 -10.36
N TRP B 139 -5.21 -11.02 -10.70
CA TRP B 139 -5.55 -11.39 -12.07
C TRP B 139 -7.07 -11.39 -12.07
N LYS B 140 -7.69 -11.32 -13.23
CA LYS B 140 -9.15 -11.38 -13.28
C LYS B 140 -9.53 -12.83 -12.99
N GLU B 141 -10.73 -13.02 -12.46
CA GLU B 141 -11.28 -14.35 -12.19
C GLU B 141 -10.60 -15.29 -11.19
N LEU B 142 -10.02 -14.73 -10.13
CA LEU B 142 -9.40 -15.54 -9.08
C LEU B 142 -9.70 -14.83 -7.76
N SER B 143 -10.93 -14.31 -7.67
CA SER B 143 -11.37 -13.54 -6.51
C SER B 143 -11.35 -14.26 -5.17
N THR B 144 -11.65 -15.56 -5.16
CA THR B 144 -11.66 -16.31 -3.91
C THR B 144 -10.26 -16.42 -3.30
N TYR B 145 -9.34 -17.00 -4.06
CA TYR B 145 -7.97 -17.20 -3.64
C TYR B 145 -7.24 -15.90 -3.31
N THR B 146 -7.33 -14.93 -4.21
CA THR B 146 -6.66 -13.65 -4.01
C THR B 146 -7.11 -12.90 -2.75
N SER B 147 -8.43 -12.83 -2.52
CA SER B 147 -8.92 -12.12 -1.35
C SER B 147 -8.59 -12.87 -0.07
N ALA B 148 -8.62 -14.20 -0.11
CA ALA B 148 -8.29 -14.98 1.08
C ALA B 148 -6.84 -14.77 1.45
N ARG B 149 -5.95 -14.78 0.46
CA ARG B 149 -4.52 -14.56 0.71
C ARG B 149 -4.30 -13.18 1.32
N ALA B 150 -5.09 -12.20 0.88
CA ALA B 150 -4.97 -10.85 1.41
C ALA B 150 -5.31 -10.89 2.91
N GLY B 151 -6.34 -11.65 3.26
CA GLY B 151 -6.72 -11.75 4.65
C GLY B 151 -5.60 -12.32 5.51
N ALA B 152 -4.87 -13.27 4.95
CA ALA B 152 -3.76 -13.90 5.66
C ALA B 152 -2.59 -12.93 5.83
N CYS B 153 -2.32 -12.12 4.80
CA CYS B 153 -1.24 -11.15 4.90
C CYS B 153 -1.54 -10.17 6.03
N THR B 154 -2.77 -9.65 6.05
CA THR B 154 -3.16 -8.71 7.09
C THR B 154 -3.17 -9.38 8.46
N LEU B 155 -3.58 -10.65 8.52
CA LEU B 155 -3.59 -11.37 9.79
C LEU B 155 -2.17 -11.34 10.38
N ALA B 156 -1.18 -11.63 9.55
CA ALA B 156 0.21 -11.62 10.01
C ALA B 156 0.59 -10.23 10.53
N ASN B 157 0.28 -9.20 9.74
CA ASN B 157 0.60 -7.84 10.13
C ASN B 157 -0.09 -7.45 11.44
N ALA B 158 -1.36 -7.81 11.59
CA ALA B 158 -2.10 -7.48 12.80
C ALA B 158 -1.50 -8.24 13.99
N LEU B 159 -1.14 -9.50 13.77
CA LEU B 159 -0.56 -10.30 14.84
C LEU B 159 0.76 -9.73 15.35
N SER B 160 1.56 -9.15 14.47
CA SER B 160 2.83 -8.59 14.88
C SER B 160 2.63 -7.51 15.93
N LYS B 161 1.53 -6.77 15.85
CA LYS B 161 1.25 -5.70 16.80
C LYS B 161 1.08 -6.16 18.25
N GLU B 162 0.46 -7.32 18.45
CA GLU B 162 0.25 -7.81 19.81
C GLU B 162 1.38 -8.70 20.30
N LEU B 163 1.94 -9.50 19.41
CA LEU B 163 3.00 -10.41 19.81
C LEU B 163 4.37 -9.78 20.01
N GLY B 164 4.54 -8.54 19.51
CA GLY B 164 5.81 -7.86 19.68
C GLY B 164 6.17 -7.66 21.13
N GLU B 165 5.15 -7.39 21.95
CA GLU B 165 5.34 -7.18 23.39
C GLU B 165 5.98 -8.42 24.03
N TYR B 166 5.78 -9.56 23.40
CA TYR B 166 6.31 -10.83 23.89
C TYR B 166 7.55 -11.28 23.12
N ASN B 167 8.14 -10.35 22.38
CA ASN B 167 9.35 -10.60 21.59
C ASN B 167 9.15 -11.66 20.50
N ILE B 168 7.95 -11.69 19.93
CA ILE B 168 7.65 -12.65 18.86
C ILE B 168 7.38 -11.95 17.53
N PRO B 169 8.35 -12.01 16.60
CA PRO B 169 8.18 -11.38 15.28
C PRO B 169 7.20 -12.20 14.46
N VAL B 170 6.39 -11.53 13.64
CA VAL B 170 5.43 -12.20 12.77
C VAL B 170 5.64 -11.67 11.35
N PHE B 171 5.78 -12.57 10.39
CA PHE B 171 6.01 -12.17 9.01
C PHE B 171 5.13 -12.93 8.04
N ALA B 172 4.96 -12.36 6.85
CA ALA B 172 4.19 -13.01 5.79
C ALA B 172 5.05 -12.90 4.54
N ILE B 173 5.30 -14.03 3.89
CA ILE B 173 6.07 -14.08 2.66
C ILE B 173 5.08 -14.39 1.54
N GLY B 174 4.89 -13.44 0.63
CA GLY B 174 3.96 -13.60 -0.47
C GLY B 174 4.65 -13.86 -1.78
N PRO B 175 4.75 -15.12 -2.21
CA PRO B 175 5.42 -15.37 -3.48
C PRO B 175 4.49 -15.45 -4.69
N ASN B 176 5.12 -15.45 -5.85
CA ASN B 176 4.45 -15.65 -7.12
C ASN B 176 5.57 -16.06 -8.06
N TYR B 177 5.24 -16.94 -8.99
CA TYR B 177 6.20 -17.48 -9.93
C TYR B 177 7.35 -18.15 -9.19
N LEU B 178 7.01 -18.78 -8.06
CA LEU B 178 7.99 -19.52 -7.27
C LEU B 178 8.03 -20.97 -7.75
N HIS B 179 9.16 -21.36 -8.33
CA HIS B 179 9.34 -22.73 -8.82
C HIS B 179 8.96 -23.69 -7.69
N SER B 180 8.06 -24.63 -7.97
CA SER B 180 7.63 -25.58 -6.95
C SER B 180 8.07 -27.01 -7.27
N GLU B 181 8.94 -27.11 -8.26
CA GLU B 181 9.52 -28.39 -8.69
C GLU B 181 8.51 -29.47 -9.05
N ASP B 182 8.37 -30.49 -8.21
CA ASP B 182 7.44 -31.57 -8.52
C ASP B 182 6.03 -31.31 -8.01
N SER B 183 5.88 -30.29 -7.17
CA SER B 183 4.57 -29.94 -6.62
C SER B 183 3.76 -29.08 -7.57
N PRO B 184 2.45 -29.37 -7.70
CA PRO B 184 1.60 -28.58 -8.59
C PRO B 184 1.25 -27.21 -8.02
N TYR B 185 1.70 -26.93 -6.79
CA TYR B 185 1.43 -25.65 -6.13
C TYR B 185 2.70 -24.78 -6.10
N PHE B 186 2.87 -23.86 -7.05
CA PHE B 186 1.92 -23.60 -8.13
C PHE B 186 2.68 -23.43 -9.45
N TYR B 187 3.98 -23.68 -9.43
CA TYR B 187 4.78 -23.55 -10.64
C TYR B 187 5.75 -24.70 -10.79
N PRO B 188 5.22 -25.88 -11.15
CA PRO B 188 6.06 -27.06 -11.33
C PRO B 188 6.98 -26.94 -12.54
N THR B 189 8.10 -27.66 -12.50
CA THR B 189 9.08 -27.65 -13.58
C THR B 189 8.37 -27.84 -14.91
N GLU B 190 7.48 -28.83 -14.94
CA GLU B 190 6.69 -29.09 -16.14
C GLU B 190 5.37 -28.40 -15.85
N PRO B 191 4.98 -27.42 -16.69
CA PRO B 191 5.60 -26.87 -17.90
C PRO B 191 6.37 -25.56 -17.75
N TRP B 192 6.42 -24.99 -16.56
CA TRP B 192 7.05 -23.70 -16.39
C TRP B 192 8.51 -23.50 -16.77
N LYS B 193 9.30 -24.57 -16.80
CA LYS B 193 10.69 -24.47 -17.18
C LYS B 193 10.93 -25.25 -18.47
N THR B 194 9.91 -25.92 -18.96
CA THR B 194 10.05 -26.75 -20.16
C THR B 194 9.30 -26.32 -21.41
N ASN B 195 8.14 -25.68 -21.25
CA ASN B 195 7.36 -25.25 -22.41
C ASN B 195 7.66 -23.81 -22.81
N PRO B 196 8.06 -23.59 -24.07
CA PRO B 196 8.39 -22.25 -24.58
C PRO B 196 7.43 -21.12 -24.20
N GLU B 197 6.13 -21.34 -24.38
CA GLU B 197 5.15 -20.30 -24.05
C GLU B 197 5.17 -19.94 -22.57
N HIS B 198 5.35 -20.93 -21.71
CA HIS B 198 5.38 -20.66 -20.28
C HIS B 198 6.68 -19.96 -19.91
N VAL B 199 7.78 -20.40 -20.51
CA VAL B 199 9.08 -19.79 -20.24
C VAL B 199 9.02 -18.31 -20.67
N ALA B 200 8.44 -18.06 -21.83
CA ALA B 200 8.33 -16.70 -22.36
C ALA B 200 7.44 -15.82 -21.48
N HIS B 201 6.36 -16.42 -20.94
CA HIS B 201 5.44 -15.68 -20.08
C HIS B 201 6.16 -15.18 -18.84
N VAL B 202 6.94 -16.06 -18.22
CA VAL B 202 7.69 -15.70 -17.02
C VAL B 202 8.70 -14.60 -17.32
N LYS B 203 9.39 -14.70 -18.46
CA LYS B 203 10.37 -13.68 -18.83
C LYS B 203 9.70 -12.33 -19.05
N LYS B 204 8.41 -12.37 -19.38
CA LYS B 204 7.66 -11.15 -19.64
C LYS B 204 7.11 -10.44 -18.40
N VAL B 205 6.49 -11.20 -17.51
CA VAL B 205 5.85 -10.62 -16.32
C VAL B 205 6.68 -10.39 -15.07
N THR B 206 7.91 -10.91 -15.02
CA THR B 206 8.79 -10.71 -13.87
C THR B 206 9.98 -9.85 -14.29
N ALA B 207 10.46 -9.02 -13.38
CA ALA B 207 11.60 -8.16 -13.71
C ALA B 207 12.88 -8.97 -13.89
N LEU B 208 13.07 -9.99 -13.07
CA LEU B 208 14.27 -10.83 -13.17
C LEU B 208 14.19 -11.84 -14.31
N GLN B 209 13.03 -11.91 -14.94
CA GLN B 209 12.79 -12.81 -16.08
C GLN B 209 13.12 -14.27 -15.80
N ARG B 210 12.60 -14.79 -14.69
CA ARG B 210 12.81 -16.18 -14.32
C ARG B 210 11.92 -16.51 -13.12
N LEU B 211 11.77 -17.80 -12.84
CA LEU B 211 10.99 -18.23 -11.69
C LEU B 211 11.87 -18.04 -10.46
N GLY B 212 11.24 -17.85 -9.30
CA GLY B 212 11.99 -17.74 -8.07
C GLY B 212 12.35 -19.16 -7.69
N THR B 213 13.39 -19.34 -6.89
CA THR B 213 13.78 -20.70 -6.50
C THR B 213 13.38 -21.05 -5.08
N GLN B 214 13.30 -22.36 -4.82
CA GLN B 214 12.96 -22.82 -3.48
C GLN B 214 14.11 -22.38 -2.56
N LYS B 215 15.33 -22.35 -3.10
CA LYS B 215 16.49 -21.94 -2.33
C LYS B 215 16.33 -20.51 -1.81
N GLU B 216 15.89 -19.61 -2.68
CA GLU B 216 15.69 -18.21 -2.29
C GLU B 216 14.65 -18.12 -1.18
N LEU B 217 13.52 -18.81 -1.35
CA LEU B 217 12.48 -18.79 -0.33
C LEU B 217 13.05 -19.30 0.99
N GLY B 218 13.73 -20.45 0.93
CA GLY B 218 14.32 -21.02 2.12
C GLY B 218 15.29 -20.06 2.80
N GLU B 219 16.14 -19.40 2.03
CA GLU B 219 17.10 -18.46 2.59
C GLU B 219 16.39 -17.37 3.39
N LEU B 220 15.29 -16.86 2.85
CA LEU B 220 14.53 -15.82 3.53
C LEU B 220 13.92 -16.35 4.83
N VAL B 221 13.29 -17.52 4.77
CA VAL B 221 12.68 -18.12 5.94
C VAL B 221 13.73 -18.35 7.04
N ALA B 222 14.87 -18.93 6.65
CA ALA B 222 15.93 -19.19 7.62
C ALA B 222 16.46 -17.89 8.21
N PHE B 223 16.64 -16.89 7.36
CA PHE B 223 17.13 -15.59 7.82
C PHE B 223 16.20 -14.99 8.85
N LEU B 224 14.90 -15.00 8.56
CA LEU B 224 13.91 -14.44 9.47
C LEU B 224 13.81 -15.25 10.76
N ALA B 225 13.95 -16.57 10.65
CA ALA B 225 13.86 -17.44 11.81
C ALA B 225 15.12 -17.41 12.67
N SER B 226 16.21 -16.92 12.12
CA SER B 226 17.48 -16.87 12.85
C SER B 226 17.52 -15.86 14.00
N GLY B 227 16.64 -14.87 13.94
CA GLY B 227 16.65 -13.86 14.98
C GLY B 227 17.66 -12.78 14.64
N SER B 228 18.12 -12.75 13.40
CA SER B 228 19.10 -11.77 12.95
C SER B 228 18.46 -10.42 12.63
N CYS B 229 17.17 -10.43 12.29
CA CYS B 229 16.49 -9.20 11.93
C CYS B 229 15.02 -9.16 12.38
N ASP B 230 14.79 -9.29 13.68
CA ASP B 230 13.45 -9.26 14.23
C ASP B 230 12.73 -7.93 14.00
N TYR B 231 13.50 -6.87 13.82
CA TYR B 231 12.89 -5.55 13.63
C TYR B 231 12.04 -5.40 12.37
N LEU B 232 12.00 -6.44 11.54
CA LEU B 232 11.19 -6.41 10.32
C LEU B 232 9.80 -6.96 10.64
N THR B 233 9.54 -7.22 11.92
CA THR B 233 8.25 -7.79 12.30
C THR B 233 7.08 -7.02 11.69
N GLY B 234 6.09 -7.77 11.21
CA GLY B 234 4.91 -7.17 10.59
C GLY B 234 5.02 -7.06 9.08
N GLN B 235 6.22 -7.27 8.56
CA GLN B 235 6.47 -7.16 7.13
C GLN B 235 5.81 -8.23 6.28
N VAL B 236 5.32 -7.80 5.12
CA VAL B 236 4.74 -8.69 4.13
C VAL B 236 5.79 -8.59 3.03
N PHE B 237 6.45 -9.71 2.74
CA PHE B 237 7.48 -9.75 1.73
C PHE B 237 6.89 -10.24 0.42
N TRP B 238 7.17 -9.50 -0.66
CA TRP B 238 6.66 -9.88 -1.98
C TRP B 238 7.82 -10.58 -2.68
N LEU B 239 7.81 -11.90 -2.64
CA LEU B 239 8.85 -12.71 -3.25
C LEU B 239 8.34 -13.02 -4.65
N ALA B 240 8.36 -12.02 -5.54
CA ALA B 240 7.84 -12.23 -6.88
C ALA B 240 8.76 -11.76 -8.01
N GLY B 241 10.04 -11.60 -7.72
CA GLY B 241 11.01 -11.19 -8.72
C GLY B 241 10.70 -9.95 -9.53
N GLY B 242 10.00 -8.99 -8.93
CA GLY B 242 9.69 -7.77 -9.67
C GLY B 242 8.32 -7.76 -10.31
N PHE B 243 7.60 -8.88 -10.21
CA PHE B 243 6.26 -8.95 -10.75
C PHE B 243 5.43 -7.94 -9.97
N PRO B 244 4.46 -7.28 -10.62
CA PRO B 244 4.14 -7.46 -12.03
C PRO B 244 4.84 -6.46 -12.94
N MET B 245 5.18 -6.88 -14.15
CA MET B 245 5.78 -5.97 -15.11
C MET B 245 4.57 -5.44 -15.87
N ILE B 246 4.42 -4.13 -15.94
CA ILE B 246 3.27 -3.55 -16.62
C ILE B 246 3.53 -3.22 -18.09
N GLU B 247 2.60 -3.68 -18.92
CA GLU B 247 2.65 -3.47 -20.36
C GLU B 247 2.79 -1.99 -20.69
N ARG B 248 3.78 -1.67 -21.53
CA ARG B 248 4.01 -0.27 -21.90
C ARG B 248 3.32 0.09 -23.21
N TRP B 249 3.31 1.39 -23.50
CA TRP B 249 2.68 1.92 -24.70
C TRP B 249 3.14 1.27 -26.00
N PRO B 250 2.33 1.38 -27.06
CA PRO B 250 2.66 0.81 -28.36
C PRO B 250 3.98 1.40 -28.86
N GLY B 251 4.85 0.56 -29.40
CA GLY B 251 6.14 1.04 -29.90
C GLY B 251 7.30 0.81 -28.96
N MET B 252 7.01 0.64 -27.68
CA MET B 252 8.04 0.41 -26.69
C MET B 252 8.29 -1.09 -26.56
N PRO B 253 9.57 -1.52 -26.65
CA PRO B 253 9.89 -2.95 -26.53
C PRO B 253 9.62 -3.56 -25.16
N SER C 2 32.74 -9.35 -2.63
CA SER C 2 32.74 -8.33 -3.71
C SER C 2 33.15 -6.95 -3.19
N THR C 3 32.92 -5.92 -3.98
CA THR C 3 33.27 -4.56 -3.58
C THR C 3 31.98 -3.78 -3.34
N ALA C 4 31.86 -3.17 -2.17
CA ALA C 4 30.67 -2.40 -1.83
C ALA C 4 31.00 -0.96 -1.52
N ILE C 5 29.98 -0.10 -1.64
CA ILE C 5 30.13 1.31 -1.30
C ILE C 5 29.00 1.61 -0.33
N VAL C 6 29.35 2.26 0.78
CA VAL C 6 28.35 2.66 1.77
C VAL C 6 28.61 4.14 1.97
N THR C 7 27.60 4.97 1.69
CA THR C 7 27.73 6.42 1.82
C THR C 7 27.41 6.90 3.24
N ASN C 8 27.80 8.13 3.55
CA ASN C 8 27.55 8.72 4.86
C ASN C 8 27.71 7.65 5.95
N VAL C 9 28.82 6.91 5.87
CA VAL C 9 29.07 5.81 6.79
C VAL C 9 28.98 6.11 8.28
N LYS C 10 29.30 7.34 8.68
CA LYS C 10 29.24 7.70 10.10
C LYS C 10 27.85 7.89 10.65
N HIS C 11 26.85 7.94 9.77
CA HIS C 11 25.49 8.21 10.21
C HIS C 11 24.42 7.23 9.75
N PHE C 12 23.25 7.34 10.39
CA PHE C 12 22.08 6.55 10.04
C PHE C 12 22.40 5.05 9.94
N GLY C 13 22.20 4.44 8.77
CA GLY C 13 22.47 3.02 8.64
C GLY C 13 23.89 2.72 8.17
N GLY C 14 24.75 3.74 8.20
CA GLY C 14 26.12 3.58 7.74
C GLY C 14 27.03 2.55 8.40
N MET C 15 27.23 2.66 9.70
CA MET C 15 28.12 1.73 10.39
C MET C 15 27.62 0.29 10.42
N GLY C 16 26.34 0.11 10.68
CA GLY C 16 25.79 -1.24 10.69
C GLY C 16 26.02 -1.92 9.36
N SER C 17 25.77 -1.19 8.27
CA SER C 17 25.95 -1.73 6.92
C SER C 17 27.40 -2.03 6.57
N ALA C 18 28.27 -1.06 6.81
CA ALA C 18 29.68 -1.22 6.49
C ALA C 18 30.33 -2.33 7.29
N LEU C 19 30.11 -2.33 8.59
CA LEU C 19 30.67 -3.34 9.48
C LEU C 19 30.25 -4.77 9.14
N ARG C 20 28.96 -4.99 8.90
CA ARG C 20 28.49 -6.34 8.59
C ARG C 20 28.91 -6.80 7.19
N LEU C 21 28.97 -5.86 6.25
CA LEU C 21 29.38 -6.16 4.89
C LEU C 21 30.86 -6.57 4.93
N SER C 22 31.65 -5.85 5.72
CA SER C 22 33.07 -6.17 5.85
C SER C 22 33.25 -7.56 6.48
N GLU C 23 32.44 -7.86 7.50
CA GLU C 23 32.54 -9.15 8.16
C GLU C 23 32.13 -10.29 7.23
N ALA C 24 31.39 -9.95 6.16
CA ALA C 24 30.95 -10.93 5.18
C ALA C 24 32.06 -11.17 4.16
N GLY C 25 33.15 -10.41 4.29
CA GLY C 25 34.28 -10.57 3.38
C GLY C 25 34.34 -9.58 2.23
N HIS C 26 33.44 -8.61 2.22
CA HIS C 26 33.44 -7.62 1.15
C HIS C 26 34.44 -6.50 1.40
N THR C 27 34.90 -5.89 0.32
CA THR C 27 35.81 -4.76 0.43
C THR C 27 34.84 -3.59 0.47
N VAL C 28 34.79 -2.89 1.59
CA VAL C 28 33.83 -1.80 1.74
C VAL C 28 34.42 -0.40 1.69
N ALA C 29 34.20 0.26 0.55
CA ALA C 29 34.67 1.62 0.34
C ALA C 29 33.63 2.51 1.02
N CYS C 30 34.09 3.39 1.91
CA CYS C 30 33.16 4.24 2.63
C CYS C 30 33.27 5.72 2.32
N HIS C 31 32.10 6.36 2.18
CA HIS C 31 32.03 7.78 1.91
C HIS C 31 31.43 8.47 3.12
N ASP C 32 31.77 9.74 3.30
CA ASP C 32 31.24 10.56 4.38
C ASP C 32 31.71 11.98 4.15
N GLU C 33 30.85 12.95 4.47
CA GLU C 33 31.21 14.35 4.27
C GLU C 33 32.52 14.72 4.97
N SER C 34 32.74 14.15 6.15
CA SER C 34 33.95 14.46 6.91
C SER C 34 35.25 13.99 6.25
N PHE C 35 35.16 12.97 5.41
CA PHE C 35 36.34 12.43 4.75
C PHE C 35 36.98 13.42 3.77
N LYS C 36 36.35 14.58 3.63
CA LYS C 36 36.88 15.63 2.75
C LYS C 36 38.16 16.14 3.41
N GLN C 37 38.27 15.90 4.71
CA GLN C 37 39.43 16.30 5.49
C GLN C 37 40.34 15.11 5.74
N LYS C 38 41.60 15.23 5.32
CA LYS C 38 42.57 14.16 5.48
C LYS C 38 42.62 13.65 6.93
N ASP C 39 42.59 14.57 7.88
CA ASP C 39 42.64 14.20 9.29
C ASP C 39 41.49 13.27 9.70
N GLU C 40 40.28 13.59 9.24
CA GLU C 40 39.10 12.80 9.55
C GLU C 40 39.17 11.42 8.88
N LEU C 41 39.54 11.41 7.60
CA LEU C 41 39.64 10.17 6.86
C LEU C 41 40.69 9.22 7.47
N GLU C 42 41.84 9.78 7.85
CA GLU C 42 42.89 8.98 8.45
C GLU C 42 42.48 8.40 9.80
N ALA C 43 41.82 9.21 10.61
CA ALA C 43 41.37 8.76 11.93
C ALA C 43 40.41 7.59 11.78
N PHE C 44 39.52 7.68 10.80
CA PHE C 44 38.54 6.63 10.56
C PHE C 44 39.22 5.35 10.07
N ALA C 45 40.20 5.50 9.19
CA ALA C 45 40.92 4.34 8.66
C ALA C 45 41.67 3.60 9.76
N GLU C 46 42.21 4.35 10.71
CA GLU C 46 42.96 3.76 11.82
C GLU C 46 42.02 3.00 12.75
N THR C 47 40.88 3.61 13.05
CA THR C 47 39.91 2.98 13.94
C THR C 47 39.27 1.76 13.30
N TYR C 48 39.04 1.84 11.99
CA TYR C 48 38.41 0.73 11.26
C TYR C 48 39.28 0.25 10.10
N PRO C 49 40.35 -0.49 10.39
CA PRO C 49 41.22 -1.00 9.34
C PRO C 49 40.55 -1.97 8.37
N GLN C 50 39.39 -2.50 8.76
CA GLN C 50 38.66 -3.42 7.89
C GLN C 50 37.77 -2.68 6.90
N LEU C 51 37.84 -1.34 6.94
CA LEU C 51 37.05 -0.49 6.06
C LEU C 51 37.96 0.36 5.20
N LYS C 52 37.46 0.80 4.04
CA LYS C 52 38.25 1.62 3.14
C LYS C 52 37.62 2.99 2.91
N PRO C 53 37.95 3.98 3.76
CA PRO C 53 37.38 5.31 3.59
C PRO C 53 37.92 6.00 2.33
N MET C 54 37.03 6.66 1.60
CA MET C 54 37.38 7.38 0.39
C MET C 54 37.18 8.87 0.64
N SER C 55 37.96 9.72 -0.02
CA SER C 55 37.82 11.16 0.18
C SER C 55 36.78 11.77 -0.78
N GLU C 56 36.53 11.09 -1.90
CA GLU C 56 35.58 11.57 -2.90
C GLU C 56 34.19 11.88 -2.35
N GLN C 57 33.63 13.00 -2.76
CA GLN C 57 32.32 13.43 -2.29
C GLN C 57 31.16 13.28 -3.29
N GLU C 58 31.42 13.63 -4.55
CA GLU C 58 30.38 13.55 -5.57
C GLU C 58 30.19 12.15 -6.14
N PRO C 59 28.96 11.84 -6.60
CA PRO C 59 28.60 10.53 -7.17
C PRO C 59 29.56 9.95 -8.22
N ALA C 60 29.70 10.62 -9.36
CA ALA C 60 30.58 10.12 -10.42
C ALA C 60 32.01 9.97 -9.92
N GLU C 61 32.50 10.99 -9.23
CA GLU C 61 33.85 10.98 -8.70
C GLU C 61 34.06 9.77 -7.78
N LEU C 62 33.08 9.51 -6.92
CA LEU C 62 33.15 8.39 -5.98
C LEU C 62 33.13 7.04 -6.68
N ILE C 63 32.18 6.86 -7.59
CA ILE C 63 32.06 5.59 -8.32
C ILE C 63 33.34 5.31 -9.09
N GLU C 64 33.90 6.34 -9.70
CA GLU C 64 35.13 6.22 -10.47
C GLU C 64 36.33 5.84 -9.61
N ALA C 65 36.44 6.48 -8.44
CA ALA C 65 37.55 6.20 -7.53
C ALA C 65 37.51 4.78 -6.96
N VAL C 66 36.32 4.32 -6.60
CA VAL C 66 36.18 2.97 -6.06
C VAL C 66 36.46 1.94 -7.15
N THR C 67 35.99 2.24 -8.37
CA THR C 67 36.21 1.33 -9.50
C THR C 67 37.70 1.25 -9.82
N SER C 68 38.38 2.39 -9.80
CA SER C 68 39.82 2.42 -10.09
C SER C 68 40.64 1.67 -9.04
N ALA C 69 40.37 1.96 -7.77
CA ALA C 69 41.10 1.34 -6.67
C ALA C 69 40.82 -0.16 -6.45
N TYR C 70 39.57 -0.58 -6.62
CA TYR C 70 39.25 -1.98 -6.35
C TYR C 70 38.76 -2.80 -7.54
N GLY C 71 38.65 -2.18 -8.71
CA GLY C 71 38.22 -2.91 -9.88
C GLY C 71 36.81 -2.70 -10.37
N GLN C 72 35.86 -2.54 -9.44
CA GLN C 72 34.46 -2.35 -9.81
C GLN C 72 33.59 -2.17 -8.56
N VAL C 73 32.34 -1.78 -8.77
CA VAL C 73 31.41 -1.60 -7.66
C VAL C 73 30.33 -2.67 -7.83
N ASP C 74 30.28 -3.63 -6.90
CA ASP C 74 29.28 -4.70 -6.97
C ASP C 74 28.04 -4.37 -6.18
N VAL C 75 28.23 -3.69 -5.05
CA VAL C 75 27.10 -3.35 -4.21
C VAL C 75 27.12 -1.87 -3.87
N LEU C 76 25.97 -1.22 -4.04
CA LEU C 76 25.83 0.18 -3.72
C LEU C 76 24.81 0.30 -2.59
N VAL C 77 25.24 0.88 -1.47
CA VAL C 77 24.34 1.10 -0.36
C VAL C 77 24.25 2.61 -0.22
N SER C 78 23.16 3.17 -0.71
CA SER C 78 22.95 4.61 -0.63
C SER C 78 22.27 4.92 0.68
N ASN C 79 23.10 5.23 1.67
CA ASN C 79 22.66 5.55 3.03
C ASN C 79 22.47 7.06 3.06
N ASP C 80 21.32 7.51 2.59
CA ASP C 80 21.03 8.94 2.50
C ASP C 80 20.49 9.59 3.76
N ILE C 81 20.98 10.80 4.03
CA ILE C 81 20.58 11.55 5.20
C ILE C 81 20.30 13.01 4.87
N PHE C 82 19.57 13.65 5.78
CA PHE C 82 19.21 15.05 5.69
C PHE C 82 18.76 15.43 7.08
N ALA C 83 19.03 16.67 7.48
CA ALA C 83 18.64 17.17 8.79
C ALA C 83 17.48 18.13 8.64
N PRO C 84 16.25 17.61 8.67
CA PRO C 84 15.06 18.46 8.53
C PRO C 84 14.59 19.04 9.85
N GLU C 85 13.78 20.08 9.76
CA GLU C 85 13.20 20.70 10.95
C GLU C 85 11.73 20.36 10.87
N PHE C 86 11.08 20.20 12.01
CA PHE C 86 9.64 19.92 12.02
C PHE C 86 9.03 21.31 11.86
N GLN C 87 8.18 21.48 10.86
CA GLN C 87 7.62 22.80 10.63
C GLN C 87 6.27 22.75 9.91
N PRO C 88 5.37 23.70 10.23
CA PRO C 88 4.07 23.72 9.56
C PRO C 88 4.41 24.05 8.10
N ILE C 89 3.60 23.59 7.16
CA ILE C 89 3.87 23.81 5.75
C ILE C 89 4.18 25.25 5.34
N ASP C 90 3.47 26.21 5.91
CA ASP C 90 3.68 27.62 5.57
C ASP C 90 4.92 28.25 6.19
N LYS C 91 5.52 27.58 7.17
CA LYS C 91 6.71 28.11 7.83
C LYS C 91 8.00 27.62 7.19
N TYR C 92 7.91 26.60 6.34
CA TYR C 92 9.09 26.10 5.63
C TYR C 92 9.36 27.13 4.55
N ALA C 93 10.58 27.09 4.01
CA ALA C 93 10.96 27.94 2.90
C ALA C 93 10.91 26.91 1.77
N VAL C 94 10.62 27.33 0.54
CA VAL C 94 10.59 26.36 -0.54
C VAL C 94 11.97 25.70 -0.65
N GLU C 95 13.01 26.46 -0.33
CA GLU C 95 14.37 25.95 -0.38
C GLU C 95 14.58 24.76 0.57
N ASP C 96 13.81 24.73 1.66
CA ASP C 96 13.93 23.63 2.61
C ASP C 96 13.48 22.32 1.97
N TYR C 97 12.51 22.39 1.06
CA TYR C 97 12.04 21.20 0.39
C TYR C 97 13.06 20.83 -0.70
N ARG C 98 13.59 21.84 -1.39
CA ARG C 98 14.58 21.57 -2.42
C ARG C 98 15.77 20.86 -1.78
N GLY C 99 16.16 21.31 -0.60
CA GLY C 99 17.29 20.70 0.10
C GLY C 99 17.03 19.25 0.46
N ALA C 100 15.82 18.97 0.94
CA ALA C 100 15.44 17.61 1.32
C ALA C 100 15.46 16.69 0.10
N VAL C 101 14.87 17.15 -1.01
CA VAL C 101 14.82 16.32 -2.20
C VAL C 101 16.21 16.10 -2.80
N GLU C 102 17.07 17.10 -2.76
CA GLU C 102 18.41 16.95 -3.31
C GLU C 102 19.18 15.89 -2.52
N ALA C 103 19.06 15.93 -1.21
CA ALA C 103 19.78 14.98 -0.36
C ALA C 103 19.15 13.59 -0.32
N LEU C 104 17.82 13.54 -0.35
CA LEU C 104 17.14 12.25 -0.26
C LEU C 104 16.65 11.56 -1.53
N GLN C 105 16.61 12.29 -2.64
CA GLN C 105 16.17 11.72 -3.92
C GLN C 105 17.20 11.86 -5.02
N ILE C 106 17.66 13.09 -5.24
CA ILE C 106 18.64 13.34 -6.29
C ILE C 106 19.93 12.58 -6.07
N ARG C 107 20.42 12.56 -4.83
CA ARG C 107 21.67 11.87 -4.52
C ARG C 107 21.63 10.37 -4.84
N PRO C 108 20.64 9.63 -4.31
CA PRO C 108 20.66 8.20 -4.66
C PRO C 108 20.50 7.97 -6.17
N PHE C 109 19.68 8.82 -6.81
CA PHE C 109 19.47 8.73 -8.26
C PHE C 109 20.80 8.95 -8.97
N ALA C 110 21.54 9.97 -8.53
CA ALA C 110 22.83 10.28 -9.15
C ALA C 110 23.82 9.11 -9.00
N LEU C 111 23.83 8.49 -7.83
CA LEU C 111 24.74 7.35 -7.59
C LEU C 111 24.40 6.17 -8.51
N VAL C 112 23.11 5.86 -8.66
CA VAL C 112 22.74 4.75 -9.54
C VAL C 112 23.02 5.12 -10.99
N ASN C 113 22.75 6.38 -11.35
CA ASN C 113 23.00 6.87 -12.70
C ASN C 113 24.48 6.70 -13.06
N ALA C 114 25.34 6.88 -12.07
CA ALA C 114 26.79 6.76 -12.27
C ALA C 114 27.31 5.33 -12.28
N VAL C 115 26.66 4.41 -11.57
CA VAL C 115 27.14 3.03 -11.51
C VAL C 115 26.37 2.01 -12.34
N ALA C 116 25.15 2.34 -12.74
CA ALA C 116 24.33 1.39 -13.51
C ALA C 116 24.98 0.80 -14.75
N SER C 117 25.67 1.62 -15.53
CA SER C 117 26.30 1.12 -16.75
C SER C 117 27.24 -0.06 -16.53
N GLN C 118 28.16 0.06 -15.57
CA GLN C 118 29.07 -1.05 -15.34
C GLN C 118 28.37 -2.30 -14.84
N MET C 119 27.36 -2.13 -13.98
CA MET C 119 26.62 -3.28 -13.46
C MET C 119 25.88 -3.97 -14.60
N LYS C 120 25.26 -3.17 -15.47
CA LYS C 120 24.50 -3.73 -16.59
C LYS C 120 25.37 -4.45 -17.61
N LYS C 121 26.56 -3.94 -17.86
CA LYS C 121 27.47 -4.56 -18.82
C LYS C 121 27.89 -5.97 -18.41
N ARG C 122 28.10 -6.20 -17.12
CA ARG C 122 28.51 -7.51 -16.66
C ARG C 122 27.32 -8.32 -16.14
N LYS C 123 26.15 -7.67 -16.10
CA LYS C 123 24.92 -8.28 -15.62
C LYS C 123 24.96 -8.81 -14.19
N SER C 124 25.42 -7.96 -13.28
CA SER C 124 25.48 -8.33 -11.87
C SER C 124 25.67 -7.09 -11.01
N GLY C 125 25.10 -7.14 -9.81
CA GLY C 125 25.22 -6.03 -8.90
C GLY C 125 24.01 -5.96 -8.00
N HIS C 126 24.11 -5.18 -6.93
CA HIS C 126 23.00 -5.00 -6.01
C HIS C 126 22.94 -3.55 -5.61
N ILE C 127 21.73 -3.01 -5.58
CA ILE C 127 21.53 -1.63 -5.19
C ILE C 127 20.56 -1.59 -4.03
N ILE C 128 20.98 -0.93 -2.95
CA ILE C 128 20.17 -0.80 -1.75
C ILE C 128 20.11 0.64 -1.30
N PHE C 129 18.89 1.18 -1.17
CA PHE C 129 18.70 2.55 -0.70
C PHE C 129 18.28 2.45 0.78
N ILE C 130 18.86 3.28 1.64
CA ILE C 130 18.41 3.30 3.03
C ILE C 130 17.54 4.56 3.00
N THR C 131 16.23 4.38 3.14
CA THR C 131 15.29 5.49 3.07
C THR C 131 14.68 5.82 4.43
N SER C 132 13.38 5.61 4.58
CA SER C 132 12.69 5.89 5.85
C SER C 132 11.34 5.20 5.88
N ALA C 133 10.83 4.97 7.08
CA ALA C 133 9.52 4.34 7.22
C ALA C 133 8.48 5.43 7.47
N THR C 134 8.92 6.68 7.54
CA THR C 134 7.99 7.78 7.77
C THR C 134 6.85 7.82 6.74
N PRO C 135 7.13 7.46 5.48
CA PRO C 135 6.04 7.49 4.50
C PRO C 135 4.89 6.55 4.87
N PHE C 136 5.20 5.49 5.59
CA PHE C 136 4.18 4.50 5.99
C PHE C 136 3.30 5.03 7.11
N GLY C 137 3.86 5.88 7.96
CA GLY C 137 3.09 6.45 9.06
C GLY C 137 3.60 7.86 9.31
N PRO C 138 3.20 8.82 8.46
CA PRO C 138 3.62 10.21 8.58
C PRO C 138 3.22 10.93 9.86
N TRP C 139 4.15 11.73 10.39
CA TRP C 139 3.88 12.54 11.57
C TRP C 139 3.44 13.87 10.98
N LYS C 140 2.70 14.67 11.75
CA LYS C 140 2.32 15.97 11.23
C LYS C 140 3.54 16.88 11.31
N GLU C 141 3.62 17.83 10.38
CA GLU C 141 4.71 18.81 10.33
C GLU C 141 6.13 18.36 9.93
N LEU C 142 6.22 17.34 9.08
CA LEU C 142 7.52 16.87 8.58
C LEU C 142 7.28 16.49 7.11
N SER C 143 6.49 17.31 6.43
CA SER C 143 6.13 17.06 5.04
C SER C 143 7.26 17.00 4.03
N THR C 144 8.31 17.81 4.25
CA THR C 144 9.43 17.81 3.32
C THR C 144 10.19 16.48 3.33
N TYR C 145 10.66 16.09 4.50
CA TYR C 145 11.41 14.86 4.67
C TYR C 145 10.61 13.60 4.31
N THR C 146 9.38 13.53 4.80
CA THR C 146 8.55 12.37 4.55
C THR C 146 8.24 12.15 3.06
N SER C 147 7.84 13.21 2.37
CA SER C 147 7.52 13.08 0.94
C SER C 147 8.76 12.77 0.11
N ALA C 148 9.89 13.35 0.49
CA ALA C 148 11.13 13.07 -0.23
C ALA C 148 11.51 11.60 -0.07
N ARG C 149 11.39 11.07 1.14
CA ARG C 149 11.73 9.67 1.39
C ARG C 149 10.81 8.75 0.59
N ALA C 150 9.56 9.17 0.39
CA ALA C 150 8.62 8.36 -0.37
C ALA C 150 9.11 8.31 -1.82
N GLY C 151 9.59 9.45 -2.31
CA GLY C 151 10.11 9.50 -3.66
C GLY C 151 11.25 8.52 -3.84
N ALA C 152 12.09 8.40 -2.81
CA ALA C 152 13.23 7.49 -2.85
C ALA C 152 12.79 6.03 -2.83
N CYS C 153 11.78 5.72 -2.03
CA CYS C 153 11.28 4.35 -1.95
C CYS C 153 10.78 3.92 -3.31
N THR C 154 9.95 4.75 -3.94
CA THR C 154 9.41 4.45 -5.25
C THR C 154 10.51 4.39 -6.31
N LEU C 155 11.52 5.25 -6.18
CA LEU C 155 12.62 5.25 -7.13
C LEU C 155 13.25 3.85 -7.14
N ALA C 156 13.43 3.29 -5.95
CA ALA C 156 14.02 1.95 -5.82
C ALA C 156 13.12 0.93 -6.52
N ASN C 157 11.83 0.99 -6.22
CA ASN C 157 10.89 0.06 -6.81
C ASN C 157 10.85 0.20 -8.32
N ALA C 158 10.84 1.44 -8.81
CA ALA C 158 10.80 1.67 -10.26
C ALA C 158 12.07 1.13 -10.93
N LEU C 159 13.23 1.39 -10.32
CA LEU C 159 14.49 0.91 -10.87
C LEU C 159 14.55 -0.61 -10.94
N SER C 160 13.91 -1.29 -9.99
CA SER C 160 13.95 -2.74 -9.99
C SER C 160 13.36 -3.30 -11.27
N LYS C 161 12.35 -2.62 -11.81
CA LYS C 161 11.70 -3.07 -13.03
C LYS C 161 12.63 -3.11 -14.24
N GLU C 162 13.50 -2.11 -14.38
CA GLU C 162 14.39 -2.08 -15.54
C GLU C 162 15.69 -2.84 -15.33
N LEU C 163 16.22 -2.82 -14.11
CA LEU C 163 17.49 -3.48 -13.85
C LEU C 163 17.40 -4.99 -13.67
N GLY C 164 16.18 -5.50 -13.50
CA GLY C 164 16.02 -6.95 -13.33
C GLY C 164 16.49 -7.74 -14.53
N GLU C 165 16.30 -7.16 -15.72
CA GLU C 165 16.69 -7.81 -16.96
C GLU C 165 18.21 -8.01 -16.98
N TYR C 166 18.91 -7.16 -16.25
CA TYR C 166 20.36 -7.23 -16.17
C TYR C 166 20.81 -7.94 -14.89
N ASN C 167 19.88 -8.67 -14.27
CA ASN C 167 20.14 -9.43 -13.05
C ASN C 167 20.60 -8.56 -11.88
N ILE C 168 20.09 -7.34 -11.80
CA ILE C 168 20.46 -6.42 -10.73
C ILE C 168 19.28 -6.11 -9.82
N PRO C 169 19.26 -6.70 -8.61
CA PRO C 169 18.16 -6.46 -7.66
C PRO C 169 18.29 -5.07 -7.07
N VAL C 170 17.16 -4.43 -6.79
CA VAL C 170 17.14 -3.11 -6.20
C VAL C 170 16.19 -3.14 -5.00
N PHE C 171 16.66 -2.66 -3.86
CA PHE C 171 15.82 -2.67 -2.67
C PHE C 171 15.89 -1.34 -1.94
N ALA C 172 14.91 -1.10 -1.07
CA ALA C 172 14.87 0.09 -0.26
C ALA C 172 14.58 -0.38 1.15
N ILE C 173 15.38 0.06 2.11
CA ILE C 173 15.17 -0.30 3.51
C ILE C 173 14.75 0.97 4.22
N GLY C 174 13.51 0.99 4.71
CA GLY C 174 12.99 2.17 5.39
C GLY C 174 12.90 1.98 6.89
N PRO C 175 13.87 2.51 7.64
CA PRO C 175 13.84 2.37 9.09
C PRO C 175 13.15 3.51 9.83
N ASN C 176 12.90 3.24 11.11
CA ASN C 176 12.38 4.24 12.03
C ASN C 176 12.75 3.66 13.38
N TYR C 177 13.08 4.55 14.31
CA TYR C 177 13.50 4.16 15.64
C TYR C 177 14.71 3.25 15.58
N LEU C 178 15.57 3.52 14.59
CA LEU C 178 16.81 2.74 14.44
C LEU C 178 17.90 3.41 15.28
N HIS C 179 18.38 2.72 16.31
CA HIS C 179 19.42 3.25 17.17
C HIS C 179 20.59 3.70 16.29
N SER C 180 21.04 4.94 16.46
CA SER C 180 22.14 5.44 15.64
C SER C 180 23.41 5.71 16.44
N GLU C 181 23.42 5.21 17.67
CA GLU C 181 24.57 5.34 18.55
C GLU C 181 25.06 6.78 18.75
N ASP C 182 26.25 7.09 18.26
CA ASP C 182 26.77 8.44 18.43
C ASP C 182 26.30 9.43 17.36
N SER C 183 25.66 8.91 16.31
CA SER C 183 25.17 9.77 15.24
C SER C 183 23.83 10.41 15.56
N PRO C 184 23.69 11.71 15.25
CA PRO C 184 22.41 12.37 15.55
C PRO C 184 21.31 11.96 14.55
N TYR C 185 21.68 11.16 13.56
CA TYR C 185 20.72 10.70 12.54
C TYR C 185 20.33 9.23 12.77
N PHE C 186 19.20 8.94 13.42
CA PHE C 186 18.28 9.94 13.94
C PHE C 186 17.84 9.57 15.35
N TYR C 187 18.44 8.52 15.91
CA TYR C 187 18.11 8.06 17.25
C TYR C 187 19.35 7.73 18.05
N PRO C 188 20.11 8.77 18.44
CA PRO C 188 21.34 8.56 19.23
C PRO C 188 21.06 7.99 20.61
N THR C 189 22.05 7.31 21.19
CA THR C 189 21.94 6.71 22.51
C THR C 189 21.39 7.74 23.48
N GLU C 190 21.93 8.96 23.41
CA GLU C 190 21.46 10.05 24.26
C GLU C 190 20.57 10.86 23.34
N PRO C 191 19.29 11.01 23.70
CA PRO C 191 18.57 10.52 24.89
C PRO C 191 17.70 9.28 24.71
N TRP C 192 17.66 8.71 23.52
CA TRP C 192 16.77 7.57 23.28
C TRP C 192 16.92 6.31 24.11
N LYS C 193 18.09 6.08 24.71
CA LYS C 193 18.30 4.91 25.55
C LYS C 193 18.56 5.33 26.99
N THR C 194 18.68 6.64 27.21
CA THR C 194 19.00 7.14 28.54
C THR C 194 17.92 7.94 29.26
N ASN C 195 17.06 8.62 28.52
CA ASN C 195 16.01 9.44 29.14
C ASN C 195 14.69 8.67 29.23
N PRO C 196 14.13 8.57 30.45
CA PRO C 196 12.87 7.86 30.72
C PRO C 196 11.73 8.13 29.73
N GLU C 197 11.44 9.41 29.47
CA GLU C 197 10.37 9.75 28.55
C GLU C 197 10.59 9.23 27.14
N HIS C 198 11.84 9.25 26.69
CA HIS C 198 12.13 8.76 25.34
C HIS C 198 12.05 7.25 25.31
N VAL C 199 12.55 6.61 26.37
CA VAL C 199 12.50 5.15 26.46
C VAL C 199 11.04 4.70 26.45
N ALA C 200 10.20 5.43 27.20
CA ALA C 200 8.77 5.13 27.28
C ALA C 200 8.07 5.35 25.93
N HIS C 201 8.48 6.39 25.21
CA HIS C 201 7.87 6.69 23.91
C HIS C 201 8.10 5.52 22.97
N VAL C 202 9.35 5.06 22.89
CA VAL C 202 9.70 3.94 22.03
C VAL C 202 8.92 2.68 22.40
N LYS C 203 8.76 2.43 23.68
CA LYS C 203 8.03 1.26 24.14
C LYS C 203 6.56 1.32 23.74
N LYS C 204 6.04 2.54 23.57
CA LYS C 204 4.65 2.73 23.20
C LYS C 204 4.37 2.65 21.70
N VAL C 205 5.23 3.28 20.90
CA VAL C 205 5.04 3.35 19.46
C VAL C 205 5.53 2.18 18.59
N THR C 206 6.38 1.32 19.14
CA THR C 206 6.85 0.17 18.37
C THR C 206 6.26 -1.10 18.96
N ALA C 207 6.02 -2.10 18.13
CA ALA C 207 5.46 -3.34 18.62
C ALA C 207 6.47 -4.10 19.48
N LEU C 208 7.75 -4.07 19.10
CA LEU C 208 8.77 -4.77 19.86
C LEU C 208 9.23 -4.01 21.10
N GLN C 209 8.71 -2.79 21.26
CA GLN C 209 9.02 -1.93 22.41
C GLN C 209 10.51 -1.70 22.66
N ARG C 210 11.22 -1.33 21.61
CA ARG C 210 12.65 -1.04 21.71
C ARG C 210 13.11 -0.44 20.39
N LEU C 211 14.31 0.12 20.40
CA LEU C 211 14.89 0.68 19.19
C LEU C 211 15.44 -0.49 18.39
N GLY C 212 15.54 -0.31 17.07
CA GLY C 212 16.12 -1.34 16.23
C GLY C 212 17.62 -1.18 16.37
N THR C 213 18.39 -2.24 16.14
CA THR C 213 19.84 -2.15 16.28
C THR C 213 20.58 -1.99 14.96
N GLN C 214 21.79 -1.44 15.03
CA GLN C 214 22.61 -1.28 13.83
C GLN C 214 22.92 -2.69 13.32
N LYS C 215 23.06 -3.63 14.24
CA LYS C 215 23.35 -5.02 13.86
C LYS C 215 22.23 -5.59 12.99
N GLU C 216 20.98 -5.34 13.36
CA GLU C 216 19.84 -5.84 12.58
C GLU C 216 19.85 -5.24 11.18
N LEU C 217 20.11 -3.94 11.07
CA LEU C 217 20.14 -3.31 9.76
C LEU C 217 21.27 -3.94 8.94
N GLY C 218 22.44 -4.06 9.57
CA GLY C 218 23.58 -4.66 8.89
C GLY C 218 23.29 -6.07 8.40
N GLU C 219 22.60 -6.87 9.23
CA GLU C 219 22.28 -8.24 8.84
C GLU C 219 21.41 -8.25 7.58
N LEU C 220 20.42 -7.37 7.54
CA LEU C 220 19.55 -7.30 6.38
C LEU C 220 20.32 -6.86 5.13
N VAL C 221 21.15 -5.84 5.28
CA VAL C 221 21.93 -5.35 4.15
C VAL C 221 22.84 -6.44 3.60
N ALA C 222 23.59 -7.11 4.46
CA ALA C 222 24.48 -8.17 4.04
C ALA C 222 23.71 -9.32 3.40
N PHE C 223 22.56 -9.65 3.97
CA PHE C 223 21.74 -10.74 3.44
C PHE C 223 21.31 -10.41 2.01
N LEU C 224 20.83 -9.20 1.80
CA LEU C 224 20.38 -8.78 0.48
C LEU C 224 21.55 -8.69 -0.51
N ALA C 225 22.70 -8.23 -0.04
CA ALA C 225 23.88 -8.09 -0.89
C ALA C 225 24.57 -9.42 -1.21
N SER C 226 24.25 -10.45 -0.44
CA SER C 226 24.87 -11.77 -0.62
C SER C 226 24.39 -12.52 -1.86
N GLY C 227 23.26 -12.10 -2.41
CA GLY C 227 22.72 -12.77 -3.57
C GLY C 227 21.95 -14.01 -3.14
N SER C 228 21.58 -14.07 -1.86
CA SER C 228 20.83 -15.21 -1.35
C SER C 228 19.34 -15.13 -1.63
N CYS C 229 18.84 -13.93 -1.90
CA CYS C 229 17.42 -13.77 -2.16
C CYS C 229 17.11 -12.61 -3.09
N ASP C 230 17.66 -12.66 -4.29
CA ASP C 230 17.45 -11.62 -5.29
C ASP C 230 15.98 -11.47 -5.69
N TYR C 231 15.20 -12.53 -5.54
CA TYR C 231 13.80 -12.48 -5.94
C TYR C 231 12.94 -11.49 -5.16
N LEU C 232 13.53 -10.85 -4.17
CA LEU C 232 12.83 -9.83 -3.39
C LEU C 232 13.02 -8.47 -4.05
N THR C 233 13.66 -8.45 -5.21
CA THR C 233 13.89 -7.17 -5.88
C THR C 233 12.62 -6.33 -5.96
N GLY C 234 12.78 -5.03 -5.71
CA GLY C 234 11.65 -4.11 -5.74
C GLY C 234 11.07 -3.86 -4.36
N GLN C 235 11.46 -4.70 -3.40
CA GLN C 235 10.96 -4.59 -2.04
C GLN C 235 11.37 -3.35 -1.27
N VAL C 236 10.39 -2.81 -0.54
CA VAL C 236 10.63 -1.68 0.35
C VAL C 236 10.42 -2.36 1.69
N PHE C 237 11.51 -2.48 2.45
CA PHE C 237 11.45 -3.12 3.76
C PHE C 237 11.19 -2.07 4.84
N TRP C 238 10.23 -2.35 5.72
CA TRP C 238 9.93 -1.41 6.79
C TRP C 238 10.65 -1.95 8.04
N LEU C 239 11.82 -1.39 8.31
CA LEU C 239 12.63 -1.80 9.46
C LEU C 239 12.23 -0.87 10.60
N ALA C 240 11.03 -1.06 11.14
CA ALA C 240 10.56 -0.18 12.21
C ALA C 240 9.96 -0.89 13.43
N GLY C 241 10.30 -2.17 13.60
CA GLY C 241 9.83 -2.93 14.74
C GLY C 241 8.34 -2.94 15.07
N GLY C 242 7.48 -2.92 14.05
CA GLY C 242 6.06 -2.95 14.32
C GLY C 242 5.41 -1.57 14.31
N PHE C 243 6.21 -0.52 14.22
CA PHE C 243 5.69 0.83 14.16
C PHE C 243 4.85 0.93 12.89
N PRO C 244 3.75 1.67 12.93
CA PRO C 244 3.28 2.39 14.12
C PRO C 244 2.26 1.61 14.95
N MET C 245 2.27 1.81 16.25
CA MET C 245 1.30 1.16 17.12
C MET C 245 0.18 2.19 17.18
N ILE C 246 -1.06 1.77 16.94
CA ILE C 246 -2.18 2.69 16.93
C ILE C 246 -2.93 2.76 18.26
N GLU C 247 -3.16 3.99 18.71
CA GLU C 247 -3.87 4.27 19.96
C GLU C 247 -5.24 3.62 19.96
N ARG C 248 -5.54 2.85 21.00
CA ARG C 248 -6.83 2.18 21.09
C ARG C 248 -7.86 2.97 21.90
N TRP C 249 -9.11 2.50 21.85
CA TRP C 249 -10.22 3.14 22.55
C TRP C 249 -10.01 3.31 24.04
N PRO C 250 -10.74 4.25 24.66
CA PRO C 250 -10.63 4.50 26.10
C PRO C 250 -10.97 3.22 26.85
N GLY C 251 -10.22 2.95 27.92
CA GLY C 251 -10.48 1.76 28.71
C GLY C 251 -9.59 0.59 28.35
N MET C 252 -8.97 0.65 27.17
CA MET C 252 -8.09 -0.41 26.73
C MET C 252 -6.64 -0.07 27.08
N PRO C 253 -5.95 -0.98 27.80
CA PRO C 253 -4.56 -0.74 28.20
C PRO C 253 -3.58 -0.66 27.03
N SER D 2 -17.33 29.07 -3.98
CA SER D 2 -16.14 29.78 -3.47
C SER D 2 -15.17 30.13 -4.60
N THR D 3 -13.91 30.41 -4.24
CA THR D 3 -12.91 30.77 -5.23
C THR D 3 -11.87 29.66 -5.36
N ALA D 4 -11.69 29.18 -6.60
CA ALA D 4 -10.74 28.09 -6.83
C ALA D 4 -9.63 28.47 -7.80
N ILE D 5 -8.51 27.76 -7.69
CA ILE D 5 -7.38 27.96 -8.58
C ILE D 5 -7.05 26.63 -9.22
N VAL D 6 -6.97 26.61 -10.54
CA VAL D 6 -6.60 25.41 -11.28
C VAL D 6 -5.35 25.79 -12.07
N THR D 7 -4.26 25.05 -11.87
CA THR D 7 -3.02 25.34 -12.59
C THR D 7 -2.91 24.54 -13.89
N ASN D 8 -2.02 24.99 -14.79
CA ASN D 8 -1.82 24.35 -16.08
C ASN D 8 -3.16 23.89 -16.64
N VAL D 9 -4.14 24.80 -16.63
CA VAL D 9 -5.50 24.49 -17.05
C VAL D 9 -5.71 23.84 -18.41
N LYS D 10 -4.86 24.16 -19.39
CA LYS D 10 -5.00 23.57 -20.72
C LYS D 10 -4.58 22.11 -20.79
N HIS D 11 -3.90 21.62 -19.76
CA HIS D 11 -3.37 20.27 -19.80
C HIS D 11 -3.74 19.30 -18.68
N PHE D 12 -3.54 18.02 -18.95
CA PHE D 12 -3.77 16.99 -17.95
C PHE D 12 -5.20 17.06 -17.40
N GLY D 13 -5.34 17.27 -16.09
CA GLY D 13 -6.68 17.35 -15.52
C GLY D 13 -7.19 18.76 -15.38
N GLY D 14 -6.55 19.69 -16.08
CA GLY D 14 -6.93 21.09 -16.00
C GLY D 14 -8.31 21.48 -16.46
N MET D 15 -8.67 21.16 -17.69
CA MET D 15 -9.97 21.54 -18.22
C MET D 15 -11.13 20.86 -17.50
N GLY D 16 -11.02 19.55 -17.25
CA GLY D 16 -12.08 18.87 -16.56
C GLY D 16 -12.33 19.49 -15.20
N SER D 17 -11.25 19.76 -14.47
CA SER D 17 -11.36 20.38 -13.15
C SER D 17 -12.00 21.78 -13.20
N ALA D 18 -11.45 22.65 -14.04
CA ALA D 18 -11.94 24.02 -14.15
C ALA D 18 -13.40 24.10 -14.59
N LEU D 19 -13.72 23.36 -15.65
CA LEU D 19 -15.08 23.36 -16.18
C LEU D 19 -16.13 22.90 -15.19
N ARG D 20 -15.87 21.79 -14.48
CA ARG D 20 -16.86 21.28 -13.54
C ARG D 20 -16.95 22.15 -12.28
N LEU D 21 -15.82 22.67 -11.84
CA LEU D 21 -15.79 23.54 -10.66
C LEU D 21 -16.64 24.78 -10.97
N SER D 22 -16.49 25.33 -12.18
CA SER D 22 -17.25 26.50 -12.58
C SER D 22 -18.74 26.16 -12.67
N GLU D 23 -19.04 24.97 -13.17
CA GLU D 23 -20.43 24.55 -13.29
C GLU D 23 -21.04 24.40 -11.90
N ALA D 24 -20.19 24.14 -10.92
CA ALA D 24 -20.64 23.98 -9.53
C ALA D 24 -20.88 25.34 -8.88
N GLY D 25 -20.56 26.41 -9.58
CA GLY D 25 -20.78 27.75 -9.04
C GLY D 25 -19.56 28.47 -8.50
N HIS D 26 -18.41 27.83 -8.51
CA HIS D 26 -17.19 28.45 -8.01
C HIS D 26 -16.60 29.42 -9.03
N THR D 27 -15.86 30.42 -8.53
CA THR D 27 -15.18 31.37 -9.40
C THR D 27 -13.87 30.63 -9.62
N VAL D 28 -13.52 30.37 -10.86
CA VAL D 28 -12.30 29.60 -11.13
C VAL D 28 -11.18 30.37 -11.81
N ALA D 29 -10.15 30.72 -11.04
CA ALA D 29 -8.99 31.43 -11.57
C ALA D 29 -8.10 30.36 -12.19
N CYS D 30 -7.65 30.59 -13.41
CA CYS D 30 -6.84 29.60 -14.10
C CYS D 30 -5.42 30.05 -14.45
N HIS D 31 -4.46 29.17 -14.21
CA HIS D 31 -3.06 29.42 -14.53
C HIS D 31 -2.63 28.51 -15.67
N ASP D 32 -1.67 28.98 -16.46
CA ASP D 32 -1.11 28.21 -17.56
C ASP D 32 0.12 28.93 -18.07
N GLU D 33 1.14 28.17 -18.48
CA GLU D 33 2.37 28.74 -18.98
C GLU D 33 2.14 29.62 -20.21
N SER D 34 1.14 29.29 -21.00
CA SER D 34 0.84 30.06 -22.20
C SER D 34 0.21 31.42 -21.90
N PHE D 35 -0.36 31.57 -20.71
CA PHE D 35 -1.00 32.81 -20.33
C PHE D 35 -0.02 33.98 -20.17
N LYS D 36 1.27 33.68 -20.29
CA LYS D 36 2.30 34.73 -20.22
C LYS D 36 2.04 35.66 -21.40
N GLN D 37 1.57 35.08 -22.51
CA GLN D 37 1.26 35.84 -23.71
C GLN D 37 -0.17 36.36 -23.63
N LYS D 38 -0.33 37.67 -23.75
CA LYS D 38 -1.65 38.27 -23.68
C LYS D 38 -2.58 37.65 -24.72
N ASP D 39 -2.06 37.39 -25.91
CA ASP D 39 -2.87 36.80 -26.99
C ASP D 39 -3.48 35.47 -26.56
N GLU D 40 -2.66 34.62 -25.94
CA GLU D 40 -3.10 33.32 -25.47
C GLU D 40 -4.12 33.45 -24.35
N LEU D 41 -3.88 34.39 -23.43
CA LEU D 41 -4.78 34.62 -22.31
C LEU D 41 -6.13 35.14 -22.80
N GLU D 42 -6.11 36.12 -23.69
CA GLU D 42 -7.34 36.71 -24.22
C GLU D 42 -8.15 35.66 -24.99
N ALA D 43 -7.47 34.86 -25.81
CA ALA D 43 -8.14 33.83 -26.59
C ALA D 43 -8.84 32.82 -25.67
N PHE D 44 -8.19 32.49 -24.55
CA PHE D 44 -8.75 31.54 -23.60
C PHE D 44 -9.97 32.16 -22.94
N ALA D 45 -9.84 33.42 -22.52
CA ALA D 45 -10.94 34.13 -21.87
C ALA D 45 -12.16 34.23 -22.77
N GLU D 46 -11.94 34.34 -24.07
CA GLU D 46 -13.04 34.45 -25.02
C GLU D 46 -13.76 33.12 -25.19
N THR D 47 -12.98 32.05 -25.33
CA THR D 47 -13.52 30.72 -25.51
C THR D 47 -14.22 30.19 -24.25
N TYR D 48 -13.65 30.50 -23.09
CA TYR D 48 -14.21 30.06 -21.81
C TYR D 48 -14.47 31.27 -20.92
N PRO D 49 -15.51 32.06 -21.25
CA PRO D 49 -15.85 33.27 -20.48
C PRO D 49 -16.20 33.03 -19.00
N GLN D 50 -16.46 31.78 -18.63
CA GLN D 50 -16.79 31.48 -17.25
C GLN D 50 -15.52 31.35 -16.39
N LEU D 51 -14.41 31.06 -17.04
CA LEU D 51 -13.13 30.92 -16.35
C LEU D 51 -12.40 32.26 -16.27
N LYS D 52 -11.52 32.38 -15.28
CA LYS D 52 -10.77 33.62 -15.09
C LYS D 52 -9.27 33.37 -15.23
N PRO D 53 -8.75 33.40 -16.47
CA PRO D 53 -7.32 33.18 -16.70
C PRO D 53 -6.45 34.26 -16.07
N MET D 54 -5.36 33.83 -15.43
CA MET D 54 -4.42 34.73 -14.77
C MET D 54 -3.09 34.69 -15.52
N SER D 55 -2.38 35.81 -15.56
CA SER D 55 -1.10 35.83 -16.25
C SER D 55 0.03 35.41 -15.32
N GLU D 56 -0.20 35.52 -14.02
CA GLU D 56 0.82 35.15 -13.03
C GLU D 56 1.33 33.72 -13.22
N GLN D 57 2.64 33.54 -13.09
CA GLN D 57 3.26 32.24 -13.27
C GLN D 57 3.77 31.57 -12.00
N GLU D 58 4.40 32.34 -11.13
CA GLU D 58 4.97 31.81 -9.89
C GLU D 58 3.95 31.65 -8.77
N PRO D 59 4.17 30.66 -7.88
CA PRO D 59 3.30 30.34 -6.74
C PRO D 59 2.82 31.53 -5.90
N ALA D 60 3.76 32.22 -5.26
CA ALA D 60 3.42 33.36 -4.42
C ALA D 60 2.70 34.44 -5.20
N GLU D 61 3.21 34.72 -6.40
CA GLU D 61 2.63 35.71 -7.28
C GLU D 61 1.19 35.36 -7.64
N LEU D 62 0.95 34.11 -8.01
CA LEU D 62 -0.39 33.65 -8.39
C LEU D 62 -1.38 33.70 -7.23
N ILE D 63 -0.99 33.18 -6.08
CA ILE D 63 -1.87 33.18 -4.91
C ILE D 63 -2.24 34.61 -4.53
N GLU D 64 -1.26 35.51 -4.56
CA GLU D 64 -1.51 36.90 -4.20
C GLU D 64 -2.47 37.56 -5.19
N ALA D 65 -2.24 37.31 -6.48
CA ALA D 65 -3.07 37.88 -7.54
C ALA D 65 -4.53 37.45 -7.44
N VAL D 66 -4.75 36.17 -7.20
CA VAL D 66 -6.11 35.65 -7.08
C VAL D 66 -6.77 36.18 -5.81
N THR D 67 -6.01 36.23 -4.72
CA THR D 67 -6.53 36.73 -3.45
C THR D 67 -7.00 38.17 -3.60
N SER D 68 -6.18 39.00 -4.25
CA SER D 68 -6.52 40.40 -4.45
C SER D 68 -7.72 40.57 -5.35
N ALA D 69 -7.72 39.85 -6.46
CA ALA D 69 -8.79 39.93 -7.44
C ALA D 69 -10.13 39.35 -6.98
N TYR D 70 -10.08 38.26 -6.22
CA TYR D 70 -11.32 37.63 -5.77
C TYR D 70 -11.51 37.49 -4.27
N GLY D 71 -10.63 38.12 -3.49
CA GLY D 71 -10.76 38.08 -2.04
C GLY D 71 -10.02 37.00 -1.27
N GLN D 72 -9.97 35.79 -1.81
CA GLN D 72 -9.30 34.69 -1.13
C GLN D 72 -9.30 33.44 -2.00
N VAL D 73 -8.49 32.45 -1.60
CA VAL D 73 -8.41 31.19 -2.34
C VAL D 73 -8.98 30.12 -1.42
N ASP D 74 -10.09 29.53 -1.84
CA ASP D 74 -10.75 28.49 -1.05
C ASP D 74 -10.39 27.08 -1.50
N VAL D 75 -10.16 26.92 -2.79
CA VAL D 75 -9.82 25.62 -3.35
C VAL D 75 -8.60 25.72 -4.25
N LEU D 76 -7.61 24.88 -3.99
CA LEU D 76 -6.39 24.86 -4.79
C LEU D 76 -6.32 23.53 -5.49
N VAL D 77 -6.27 23.54 -6.81
CA VAL D 77 -6.13 22.31 -7.57
C VAL D 77 -4.77 22.41 -8.25
N SER D 78 -3.77 21.73 -7.68
CA SER D 78 -2.44 21.75 -8.25
C SER D 78 -2.36 20.66 -9.30
N ASN D 79 -2.66 21.05 -10.54
CA ASN D 79 -2.66 20.17 -11.70
C ASN D 79 -1.25 20.21 -12.30
N ASP D 80 -0.35 19.43 -11.72
CA ASP D 80 1.03 19.42 -12.16
C ASP D 80 1.38 18.54 -13.34
N ILE D 81 2.25 19.07 -14.20
CA ILE D 81 2.67 18.37 -15.40
C ILE D 81 4.17 18.48 -15.63
N PHE D 82 4.69 17.56 -16.44
CA PHE D 82 6.09 17.52 -16.79
C PHE D 82 6.18 16.65 -18.04
N ALA D 83 7.17 16.91 -18.89
CA ALA D 83 7.34 16.14 -20.12
C ALA D 83 8.62 15.31 -20.03
N PRO D 84 8.51 14.11 -19.45
CA PRO D 84 9.69 13.25 -19.32
C PRO D 84 9.93 12.38 -20.53
N GLU D 85 11.13 11.82 -20.59
CA GLU D 85 11.50 10.90 -21.64
C GLU D 85 11.62 9.56 -20.93
N PHE D 86 11.40 8.48 -21.65
CA PHE D 86 11.57 7.15 -21.06
C PHE D 86 13.04 6.90 -21.32
N GLN D 87 13.79 6.60 -20.27
CA GLN D 87 15.22 6.34 -20.44
C GLN D 87 15.74 5.36 -19.42
N PRO D 88 16.75 4.56 -19.79
CA PRO D 88 17.32 3.61 -18.84
C PRO D 88 17.96 4.56 -17.82
N ILE D 89 18.06 4.15 -16.57
CA ILE D 89 18.61 5.03 -15.54
C ILE D 89 19.95 5.70 -15.88
N ASP D 90 20.86 4.95 -16.51
CA ASP D 90 22.17 5.51 -16.86
C ASP D 90 22.16 6.48 -18.05
N LYS D 91 21.05 6.53 -18.78
CA LYS D 91 20.95 7.43 -19.93
C LYS D 91 20.36 8.78 -19.57
N TYR D 92 19.69 8.87 -18.44
CA TYR D 92 19.13 10.15 -17.98
C TYR D 92 20.32 11.02 -17.57
N ALA D 93 20.09 12.32 -17.48
CA ALA D 93 21.09 13.24 -16.99
C ALA D 93 20.52 13.50 -15.61
N VAL D 94 21.36 13.82 -14.63
CA VAL D 94 20.83 14.08 -13.30
C VAL D 94 19.86 15.27 -13.35
N GLU D 95 20.11 16.20 -14.26
CA GLU D 95 19.24 17.36 -14.40
C GLU D 95 17.83 16.94 -14.83
N ASP D 96 17.70 15.81 -15.51
CA ASP D 96 16.39 15.34 -15.93
C ASP D 96 15.53 14.98 -14.73
N TYR D 97 16.17 14.50 -13.66
CA TYR D 97 15.43 14.15 -12.46
C TYR D 97 15.11 15.42 -11.70
N ARG D 98 16.08 16.35 -11.63
CA ARG D 98 15.85 17.60 -10.94
C ARG D 98 14.66 18.32 -11.58
N GLY D 99 14.58 18.26 -12.91
CA GLY D 99 13.48 18.91 -13.61
C GLY D 99 12.15 18.27 -13.26
N ALA D 100 12.14 16.95 -13.18
CA ALA D 100 10.92 16.23 -12.84
C ALA D 100 10.46 16.59 -11.43
N VAL D 101 11.39 16.54 -10.48
CA VAL D 101 11.06 16.87 -9.09
C VAL D 101 10.61 18.32 -8.93
N GLU D 102 11.22 19.23 -9.68
CA GLU D 102 10.85 20.65 -9.59
C GLU D 102 9.41 20.85 -10.05
N ALA D 103 9.05 20.24 -11.17
CA ALA D 103 7.71 20.39 -11.74
C ALA D 103 6.64 19.57 -11.03
N LEU D 104 7.02 18.42 -10.46
CA LEU D 104 6.03 17.56 -9.85
C LEU D 104 5.94 17.51 -8.33
N GLN D 105 6.96 18.02 -7.65
CA GLN D 105 6.97 18.02 -6.19
C GLN D 105 7.16 19.43 -5.62
N ILE D 106 8.19 20.13 -6.10
CA ILE D 106 8.47 21.46 -5.60
C ILE D 106 7.33 22.43 -5.90
N ARG D 107 6.76 22.34 -7.10
CA ARG D 107 5.67 23.24 -7.46
C ARG D 107 4.45 23.11 -6.56
N PRO D 108 3.90 21.90 -6.41
CA PRO D 108 2.73 21.81 -5.54
C PRO D 108 3.05 22.24 -4.11
N PHE D 109 4.27 21.90 -3.65
CA PHE D 109 4.71 22.28 -2.32
C PHE D 109 4.72 23.80 -2.18
N ALA D 110 5.26 24.47 -3.19
CA ALA D 110 5.35 25.93 -3.18
C ALA D 110 3.96 26.57 -3.16
N LEU D 111 3.01 25.98 -3.88
CA LEU D 111 1.65 26.49 -3.91
C LEU D 111 0.96 26.36 -2.55
N VAL D 112 1.10 25.22 -1.89
CA VAL D 112 0.48 25.04 -0.58
C VAL D 112 1.21 25.95 0.41
N ASN D 113 2.53 26.02 0.31
CA ASN D 113 3.31 26.87 1.20
C ASN D 113 2.85 28.33 1.13
N ALA D 114 2.42 28.75 -0.05
CA ALA D 114 1.97 30.13 -0.25
C ALA D 114 0.52 30.41 0.14
N VAL D 115 -0.34 29.40 0.10
CA VAL D 115 -1.75 29.62 0.43
C VAL D 115 -2.23 29.06 1.77
N ALA D 116 -1.42 28.20 2.39
CA ALA D 116 -1.81 27.59 3.66
C ALA D 116 -2.17 28.56 4.77
N SER D 117 -1.37 29.61 4.94
CA SER D 117 -1.63 30.54 6.02
C SER D 117 -3.02 31.16 5.97
N GLN D 118 -3.49 31.59 4.81
CA GLN D 118 -4.83 32.19 4.77
C GLN D 118 -5.93 31.17 5.04
N MET D 119 -5.73 29.94 4.59
CA MET D 119 -6.72 28.88 4.81
C MET D 119 -6.79 28.53 6.30
N LYS D 120 -5.62 28.43 6.92
CA LYS D 120 -5.53 28.09 8.34
C LYS D 120 -6.12 29.17 9.23
N LYS D 121 -5.92 30.44 8.86
CA LYS D 121 -6.46 31.53 9.66
C LYS D 121 -7.98 31.48 9.76
N ARG D 122 -8.64 31.16 8.65
CA ARG D 122 -10.09 31.10 8.64
C ARG D 122 -10.59 29.67 8.86
N LYS D 123 -9.66 28.74 8.99
CA LYS D 123 -9.99 27.33 9.20
C LYS D 123 -10.95 26.79 8.15
N SER D 124 -10.61 26.98 6.88
CA SER D 124 -11.44 26.49 5.79
C SER D 124 -10.65 26.46 4.49
N GLY D 125 -10.90 25.43 3.69
CA GLY D 125 -10.21 25.31 2.43
C GLY D 125 -10.04 23.85 2.02
N HIS D 126 -9.74 23.64 0.74
CA HIS D 126 -9.53 22.31 0.20
C HIS D 126 -8.31 22.35 -0.71
N ILE D 127 -7.46 21.34 -0.57
CA ILE D 127 -6.26 21.24 -1.39
C ILE D 127 -6.29 19.92 -2.15
N ILE D 128 -6.18 20.00 -3.47
CA ILE D 128 -6.20 18.81 -4.33
C ILE D 128 -4.99 18.80 -5.26
N PHE D 129 -4.22 17.72 -5.21
CA PHE D 129 -3.06 17.57 -6.10
C PHE D 129 -3.48 16.60 -7.21
N ILE D 130 -3.17 16.91 -8.46
CA ILE D 130 -3.44 15.95 -9.52
C ILE D 130 -2.03 15.39 -9.74
N THR D 131 -1.86 14.11 -9.39
CA THR D 131 -0.56 13.48 -9.51
C THR D 131 -0.52 12.42 -10.60
N SER D 132 -0.38 11.16 -10.21
CA SER D 132 -0.32 10.09 -11.20
C SER D 132 -0.53 8.72 -10.56
N ALA D 133 -1.04 7.78 -11.33
CA ALA D 133 -1.24 6.43 -10.82
C ALA D 133 -0.01 5.60 -11.18
N THR D 134 0.97 6.21 -11.83
CA THR D 134 2.18 5.48 -12.21
C THR D 134 2.92 4.83 -11.03
N PRO D 135 2.91 5.48 -9.84
CA PRO D 135 3.60 4.87 -8.70
C PRO D 135 2.99 3.52 -8.30
N PHE D 136 1.69 3.37 -8.58
CA PHE D 136 0.97 2.14 -8.24
C PHE D 136 1.40 0.98 -9.12
N GLY D 137 1.70 1.26 -10.38
CA GLY D 137 2.13 0.22 -11.31
C GLY D 137 3.18 0.82 -12.21
N PRO D 138 4.43 0.95 -11.72
CA PRO D 138 5.54 1.52 -12.48
C PRO D 138 5.93 0.80 -13.77
N TRP D 139 6.12 1.58 -14.83
CA TRP D 139 6.57 1.00 -16.09
C TRP D 139 8.08 1.06 -16.00
N LYS D 140 8.73 0.20 -16.76
CA LYS D 140 10.18 0.18 -16.80
C LYS D 140 10.65 1.42 -17.55
N GLU D 141 11.79 1.98 -17.13
CA GLU D 141 12.39 3.15 -17.76
C GLU D 141 11.69 4.51 -17.65
N LEU D 142 11.05 4.77 -16.52
CA LEU D 142 10.40 6.05 -16.28
C LEU D 142 10.59 6.39 -14.80
N SER D 143 11.80 6.11 -14.31
CA SER D 143 12.11 6.31 -12.90
C SER D 143 11.99 7.74 -12.37
N THR D 144 12.32 8.73 -13.19
CA THR D 144 12.25 10.13 -12.76
C THR D 144 10.82 10.58 -12.49
N TYR D 145 9.99 10.52 -13.52
CA TYR D 145 8.59 10.92 -13.41
C TYR D 145 7.83 10.11 -12.37
N THR D 146 7.97 8.79 -12.41
CA THR D 146 7.26 7.93 -11.48
C THR D 146 7.59 8.20 -10.02
N SER D 147 8.87 8.30 -9.68
CA SER D 147 9.25 8.55 -8.29
C SER D 147 8.87 9.94 -7.83
N ALA D 148 8.92 10.93 -8.73
CA ALA D 148 8.54 12.29 -8.38
C ALA D 148 7.04 12.34 -8.04
N ARG D 149 6.24 11.64 -8.85
CA ARG D 149 4.80 11.61 -8.62
C ARG D 149 4.47 10.98 -7.27
N ALA D 150 5.25 9.98 -6.88
CA ALA D 150 5.04 9.31 -5.59
C ALA D 150 5.34 10.33 -4.47
N GLY D 151 6.35 11.16 -4.70
CA GLY D 151 6.70 12.16 -3.70
C GLY D 151 5.51 13.08 -3.49
N ALA D 152 4.87 13.46 -4.59
CA ALA D 152 3.70 14.34 -4.52
C ALA D 152 2.53 13.67 -3.80
N CYS D 153 2.29 12.40 -4.10
CA CYS D 153 1.19 11.66 -3.46
C CYS D 153 1.37 11.65 -1.95
N THR D 154 2.58 11.34 -1.51
CA THR D 154 2.87 11.30 -0.08
C THR D 154 2.85 12.69 0.53
N LEU D 155 3.22 13.70 -0.25
CA LEU D 155 3.21 15.07 0.25
C LEU D 155 1.77 15.41 0.64
N ALA D 156 0.83 15.08 -0.22
CA ALA D 156 -0.59 15.33 0.05
C ALA D 156 -1.05 14.59 1.31
N ASN D 157 -0.71 13.31 1.41
CA ASN D 157 -1.13 12.54 2.57
C ASN D 157 -0.51 13.13 3.83
N ALA D 158 0.77 13.49 3.77
CA ALA D 158 1.44 14.07 4.93
C ALA D 158 0.78 15.39 5.33
N LEU D 159 0.45 16.21 4.35
CA LEU D 159 -0.16 17.50 4.62
C LEU D 159 -1.53 17.36 5.29
N SER D 160 -2.28 16.31 4.95
CA SER D 160 -3.60 16.11 5.54
C SER D 160 -3.48 15.96 7.06
N LYS D 161 -2.37 15.39 7.52
CA LYS D 161 -2.17 15.17 8.94
C LYS D 161 -2.09 16.48 9.75
N GLU D 162 -1.47 17.50 9.19
CA GLU D 162 -1.34 18.77 9.91
C GLU D 162 -2.49 19.74 9.61
N LEU D 163 -2.96 19.75 8.39
CA LEU D 163 -4.03 20.68 8.02
C LEU D 163 -5.43 20.28 8.49
N GLY D 164 -5.57 19.03 8.94
CA GLY D 164 -6.87 18.57 9.41
C GLY D 164 -7.32 19.32 10.65
N GLU D 165 -6.36 19.71 11.49
CA GLU D 165 -6.66 20.44 12.72
C GLU D 165 -7.29 21.80 12.39
N TYR D 166 -7.06 22.26 11.16
CA TYR D 166 -7.59 23.53 10.71
C TYR D 166 -8.79 23.34 9.77
N ASN D 167 -9.32 22.11 9.75
CA ASN D 167 -10.47 21.75 8.93
C ASN D 167 -10.21 21.91 7.43
N ILE D 168 -9.00 21.57 7.01
CA ILE D 168 -8.60 21.68 5.61
C ILE D 168 -8.26 20.30 5.05
N PRO D 169 -9.16 19.75 4.22
CA PRO D 169 -8.89 18.42 3.64
C PRO D 169 -7.84 18.54 2.54
N VAL D 170 -7.01 17.51 2.39
CA VAL D 170 -5.97 17.48 1.37
C VAL D 170 -6.07 16.13 0.67
N PHE D 171 -6.17 16.16 -0.65
CA PHE D 171 -6.29 14.93 -1.45
C PHE D 171 -5.30 14.90 -2.61
N ALA D 172 -5.08 13.69 -3.13
CA ALA D 172 -4.23 13.51 -4.29
C ALA D 172 -5.04 12.63 -5.24
N ILE D 173 -5.14 13.03 -6.50
CA ILE D 173 -5.85 12.24 -7.50
C ILE D 173 -4.78 11.78 -8.49
N GLY D 174 -4.53 10.48 -8.52
CA GLY D 174 -3.52 9.95 -9.40
C GLY D 174 -4.14 9.28 -10.61
N PRO D 175 -4.17 9.97 -11.76
CA PRO D 175 -4.77 9.35 -12.94
C PRO D 175 -3.78 8.60 -13.84
N ASN D 176 -4.36 7.82 -14.74
CA ASN D 176 -3.60 7.15 -15.79
C ASN D 176 -4.66 6.87 -16.85
N TYR D 177 -4.22 6.91 -18.10
CA TYR D 177 -5.10 6.70 -19.23
C TYR D 177 -6.28 7.68 -19.21
N LEU D 178 -6.02 8.87 -18.71
CA LEU D 178 -7.02 9.93 -18.65
C LEU D 178 -6.97 10.69 -19.98
N HIS D 179 -8.08 10.64 -20.72
CA HIS D 179 -8.17 11.33 -22.01
C HIS D 179 -7.84 12.81 -21.78
N SER D 180 -6.95 13.36 -22.59
CA SER D 180 -6.56 14.76 -22.42
C SER D 180 -6.98 15.63 -23.60
N GLU D 181 -7.77 15.04 -24.48
CA GLU D 181 -8.28 15.75 -25.65
C GLU D 181 -7.19 16.35 -26.53
N ASP D 182 -7.09 17.67 -26.58
CA ASP D 182 -6.07 18.30 -27.41
C ASP D 182 -4.71 18.48 -26.74
N SER D 183 -4.65 18.23 -25.44
CA SER D 183 -3.39 18.37 -24.72
C SER D 183 -2.55 17.10 -24.84
N PRO D 184 -1.22 17.24 -25.03
CA PRO D 184 -0.32 16.10 -25.15
C PRO D 184 0.00 15.46 -23.79
N TYR D 185 -0.55 16.04 -22.72
CA TYR D 185 -0.35 15.53 -21.36
C TYR D 185 -1.64 14.89 -20.84
N PHE D 186 -1.79 13.56 -20.94
CA PHE D 186 -0.80 12.65 -21.49
C PHE D 186 -1.44 11.64 -22.45
N TYR D 187 -2.73 11.78 -22.68
CA TYR D 187 -3.43 10.87 -23.58
C TYR D 187 -4.37 11.61 -24.51
N PRO D 188 -3.80 12.35 -25.48
CA PRO D 188 -4.62 13.11 -26.44
C PRO D 188 -5.45 12.22 -27.36
N THR D 189 -6.56 12.78 -27.86
CA THR D 189 -7.45 12.06 -28.76
C THR D 189 -6.65 11.36 -29.85
N GLU D 190 -5.71 12.09 -30.45
CA GLU D 190 -4.86 11.53 -31.48
C GLU D 190 -3.58 11.17 -30.73
N PRO D 191 -3.17 9.91 -30.74
CA PRO D 191 -3.78 8.73 -31.39
C PRO D 191 -4.55 7.80 -30.46
N TRP D 192 -4.64 8.15 -29.18
CA TRP D 192 -5.28 7.27 -28.22
C TRP D 192 -6.72 6.83 -28.44
N LYS D 193 -7.50 7.59 -29.19
CA LYS D 193 -8.88 7.19 -29.47
C LYS D 193 -9.05 6.87 -30.94
N THR D 194 -8.00 7.11 -31.72
CA THR D 194 -8.08 6.92 -33.17
C THR D 194 -7.20 5.87 -33.83
N ASN D 195 -6.10 5.48 -33.21
CA ASN D 195 -5.21 4.48 -33.80
C ASN D 195 -5.48 3.11 -33.17
N PRO D 196 -5.67 2.08 -34.01
CA PRO D 196 -5.95 0.71 -33.54
C PRO D 196 -5.05 0.19 -32.43
N GLU D 197 -3.73 0.26 -32.65
CA GLU D 197 -2.79 -0.23 -31.64
C GLU D 197 -2.97 0.45 -30.29
N HIS D 198 -3.20 1.75 -30.30
CA HIS D 198 -3.38 2.47 -29.04
C HIS D 198 -4.71 2.13 -28.38
N VAL D 199 -5.77 2.09 -29.18
CA VAL D 199 -7.09 1.74 -28.66
C VAL D 199 -7.02 0.34 -28.04
N ALA D 200 -6.32 -0.57 -28.73
CA ALA D 200 -6.20 -1.95 -28.24
C ALA D 200 -5.39 -2.03 -26.95
N HIS D 201 -4.35 -1.20 -26.84
CA HIS D 201 -3.50 -1.18 -25.66
C HIS D 201 -4.33 -0.79 -24.43
N VAL D 202 -5.15 0.25 -24.60
CA VAL D 202 -5.98 0.74 -23.51
C VAL D 202 -7.00 -0.32 -23.11
N LYS D 203 -7.53 -1.02 -24.11
CA LYS D 203 -8.52 -2.05 -23.87
C LYS D 203 -7.91 -3.17 -23.04
N LYS D 204 -6.62 -3.43 -23.25
CA LYS D 204 -5.94 -4.48 -22.54
C LYS D 204 -5.50 -4.16 -21.12
N VAL D 205 -4.94 -2.97 -20.92
CA VAL D 205 -4.42 -2.57 -19.61
C VAL D 205 -5.38 -1.98 -18.57
N THR D 206 -6.58 -1.60 -18.97
CA THR D 206 -7.55 -1.06 -18.01
C THR D 206 -8.74 -2.02 -17.87
N ALA D 207 -9.29 -2.10 -16.66
CA ALA D 207 -10.42 -2.98 -16.41
C ALA D 207 -11.66 -2.52 -17.18
N LEU D 208 -11.90 -1.22 -17.23
CA LEU D 208 -13.05 -0.67 -17.93
C LEU D 208 -12.85 -0.64 -19.46
N GLN D 209 -11.64 -0.96 -19.89
CA GLN D 209 -11.28 -1.01 -21.30
C GLN D 209 -11.60 0.25 -22.10
N ARG D 210 -11.16 1.39 -21.58
CA ARG D 210 -11.36 2.69 -22.21
C ARG D 210 -10.54 3.72 -21.45
N LEU D 211 -10.40 4.90 -22.04
CA LEU D 211 -9.68 5.99 -21.41
C LEU D 211 -10.63 6.64 -20.41
N GLY D 212 -10.08 7.28 -19.38
CA GLY D 212 -10.93 7.96 -18.42
C GLY D 212 -11.31 9.28 -19.09
N THR D 213 -12.41 9.89 -18.68
CA THR D 213 -12.82 11.14 -19.31
C THR D 213 -12.56 12.35 -18.43
N GLN D 214 -12.41 13.51 -19.07
CA GLN D 214 -12.19 14.75 -18.34
C GLN D 214 -13.39 14.98 -17.43
N LYS D 215 -14.57 14.58 -17.90
CA LYS D 215 -15.79 14.74 -17.12
C LYS D 215 -15.67 14.00 -15.80
N GLU D 216 -15.19 12.76 -15.86
CA GLU D 216 -15.04 11.97 -14.64
C GLU D 216 -14.08 12.61 -13.65
N LEU D 217 -12.95 13.09 -14.14
CA LEU D 217 -11.98 13.76 -13.26
C LEU D 217 -12.63 15.00 -12.66
N GLY D 218 -13.31 15.77 -13.51
CA GLY D 218 -13.97 16.98 -13.05
C GLY D 218 -15.01 16.72 -11.96
N GLU D 219 -15.79 15.66 -12.13
CA GLU D 219 -16.81 15.32 -11.14
C GLU D 219 -16.17 15.02 -9.79
N LEU D 220 -15.05 14.27 -9.81
CA LEU D 220 -14.36 13.95 -8.57
C LEU D 220 -13.83 15.23 -7.91
N VAL D 221 -13.18 16.08 -8.69
CA VAL D 221 -12.65 17.32 -8.15
C VAL D 221 -13.73 18.20 -7.52
N ALA D 222 -14.84 18.39 -8.22
CA ALA D 222 -15.93 19.21 -7.69
C ALA D 222 -16.55 18.57 -6.45
N PHE D 223 -16.66 17.24 -6.43
CA PHE D 223 -17.23 16.53 -5.29
C PHE D 223 -16.35 16.75 -4.05
N LEU D 224 -15.05 16.56 -4.19
CA LEU D 224 -14.13 16.75 -3.07
C LEU D 224 -14.09 18.20 -2.59
N ALA D 225 -14.16 19.14 -3.52
CA ALA D 225 -14.12 20.56 -3.19
C ALA D 225 -15.43 21.09 -2.62
N SER D 226 -16.51 20.33 -2.80
CA SER D 226 -17.83 20.75 -2.34
C SER D 226 -18.00 20.72 -0.83
N GLY D 227 -17.17 19.95 -0.14
CA GLY D 227 -17.29 19.85 1.31
C GLY D 227 -18.32 18.80 1.67
N SER D 228 -18.67 17.95 0.71
CA SER D 228 -19.65 16.89 0.93
C SER D 228 -19.02 15.64 1.55
N CYS D 229 -17.70 15.53 1.45
CA CYS D 229 -17.03 14.36 2.00
C CYS D 229 -15.60 14.66 2.43
N ASP D 230 -15.46 15.61 3.34
CA ASP D 230 -14.15 16.00 3.85
C ASP D 230 -13.45 14.86 4.57
N TYR D 231 -14.22 13.91 5.10
CA TYR D 231 -13.66 12.79 5.84
C TYR D 231 -12.73 11.89 5.03
N LEU D 232 -12.65 12.12 3.72
CA LEU D 232 -11.75 11.33 2.88
C LEU D 232 -10.36 11.98 2.87
N THR D 233 -10.16 13.00 3.70
CA THR D 233 -8.87 13.69 3.69
C THR D 233 -7.69 12.73 3.84
N GLY D 234 -6.66 12.97 3.04
CA GLY D 234 -5.46 12.14 3.06
C GLY D 234 -5.49 11.07 2.00
N GLN D 235 -6.62 10.93 1.31
CA GLN D 235 -6.79 9.92 0.28
C GLN D 235 -6.02 10.18 -1.01
N VAL D 236 -5.49 9.10 -1.58
CA VAL D 236 -4.81 9.16 -2.85
C VAL D 236 -5.78 8.34 -3.70
N PHE D 237 -6.45 8.99 -4.63
CA PHE D 237 -7.42 8.32 -5.51
C PHE D 237 -6.73 7.83 -6.77
N TRP D 238 -6.94 6.56 -7.10
CA TRP D 238 -6.35 6.00 -8.30
C TRP D 238 -7.42 6.06 -9.39
N LEU D 239 -7.36 7.10 -10.21
CA LEU D 239 -8.31 7.32 -11.29
C LEU D 239 -7.69 6.68 -12.53
N ALA D 240 -7.65 5.35 -12.57
CA ALA D 240 -7.03 4.65 -13.69
C ALA D 240 -7.86 3.53 -14.30
N GLY D 241 -9.18 3.58 -14.09
CA GLY D 241 -10.08 2.59 -14.66
C GLY D 241 -9.76 1.12 -14.42
N GLY D 242 -9.14 0.81 -13.28
CA GLY D 242 -8.82 -0.58 -13.01
C GLY D 242 -7.40 -0.95 -13.36
N PHE D 243 -6.67 -0.02 -13.97
CA PHE D 243 -5.28 -0.26 -14.31
C PHE D 243 -4.56 -0.49 -12.97
N PRO D 244 -3.57 -1.39 -12.95
CA PRO D 244 -3.12 -2.17 -14.10
C PRO D 244 -3.75 -3.55 -14.19
N MET D 245 -4.02 -4.00 -15.41
CA MET D 245 -4.56 -5.33 -15.62
C MET D 245 -3.32 -6.21 -15.74
N ILE D 246 -3.29 -7.30 -14.97
CA ILE D 246 -2.14 -8.19 -14.98
C ILE D 246 -2.26 -9.35 -15.97
N GLU D 247 -1.23 -9.49 -16.80
CA GLU D 247 -1.15 -10.55 -17.80
C GLU D 247 -1.33 -11.92 -17.16
N ARG D 248 -2.25 -12.72 -17.68
CA ARG D 248 -2.47 -14.06 -17.11
C ARG D 248 -1.71 -15.15 -17.83
N TRP D 249 -1.73 -16.35 -17.25
CA TRP D 249 -1.03 -17.52 -17.79
C TRP D 249 -1.39 -17.88 -19.23
N PRO D 250 -0.47 -18.57 -19.92
CA PRO D 250 -0.68 -18.99 -21.30
C PRO D 250 -1.97 -19.80 -21.42
N GLY D 251 -2.69 -19.61 -22.53
CA GLY D 251 -3.93 -20.35 -22.73
C GLY D 251 -5.17 -19.68 -22.16
N MET D 252 -4.98 -18.80 -21.19
CA MET D 252 -6.12 -18.12 -20.59
C MET D 252 -6.59 -16.97 -21.48
N PRO D 253 -7.92 -16.80 -21.60
CA PRO D 253 -8.53 -15.75 -22.42
C PRO D 253 -8.09 -14.34 -22.04
#